data_6VRQ
#
_entry.id   6VRQ
#
_cell.length_a   81.174
_cell.length_b   202.858
_cell.length_c   72.341
_cell.angle_alpha   90.000
_cell.angle_beta   93.009
_cell.angle_gamma   90.000
#
_symmetry.space_group_name_H-M   'C 1 2 1'
#
loop_
_entity.id
_entity.type
_entity.pdbx_description
1 polymer 'iv12 Fab Heavy Chain'
2 polymer 'iv12 Fab Light Chain'
3 polymer 'gl12A21 Fab Heavy Chain'
4 polymer 'gl12A21 Fab Light Chain'
5 non-polymer 1,2-ETHANEDIOL
6 non-polymer DI(HYDROXYETHYL)ETHER
7 non-polymer 'POTASSIUM ION'
8 non-polymer 'CHLORIDE ION'
9 water water
#
loop_
_entity_poly.entity_id
_entity_poly.type
_entity_poly.pdbx_seq_one_letter_code
_entity_poly.pdbx_strand_id
1 'polypeptide(L)'
;QVQLQQSGAELARPGASVKLPCKASGYTFTNYGLIWVKQRSGQGLEWIGEIYPRSGNTYYNEKFKGKATLTADKSSSTAY
MELRSLASEDSAVYFCAKKFMPTGFFDYWGQGTTLTVSSASTKGPSVFPLAPSSKSTSGGTAALGCLVKDYFPEPVTVSW
NSGALTSGVHTFPAVLQSSGLYSLSSVVTVPSSSLGTQTYICNVNHKPSNTKVDKRVEPKSCDK
;
H
2 'polypeptide(L)'
;DIVMTQSHKSMSTSIGDRVSITCKASQDVSIAVAWYQQNPGQSPKLLIFSASYRYTGVPDRFTGSGSGTDFTITITSVQA
EDLAVYYCQQHHSNPLTFGAGTKLELKRTVAAPSVFIFPPSDEQLKSGTASVVCLLNNFYPREAKVQWKVDNALQSGNSQ
ESVTEQDSKDSTYSLSSTLTLSKADYEKHKVYACEVTHQGLSSPVTKSFNRGEC
;
L
3 'polypeptide(L)'
;QVQLVQSGAEVKKPGASVKVSCKASGYTFTGYYMHWVRQAPGQGLEWMGWINPNSGGTNYAQKFQGRVTMTRDTSISTAY
MELSRLRSDDTAVYYCARDGSGDDTSWHLHPWGQGTLVTVSSASTKGPSVFPLAPSSKSTSGGTAALGCLVKDYFPEPVT
VSWNSGALTSGVHTFPAVLQSSGLYSLSSVVTVPSSSLGTQTYICNVNHKPSNTKVDKRVEPKSCDKTHHHHHH
;
A
4 'polypeptide(L)'
;DIQMTQSPSSLSASVGDRVTITCQASQDISNYLNWYQQKPGKAPKLLIYDASNLETGVPSRFSGSGSGTDFTFTISSLQP
EDIATYYCAVLEFFGPGTKVDIKRTVAAPSVFIFPPSDEQLKSGTASVVCLLNNFYPREAKVQWKVDNALQSGNSQESVT
EQDSKDSTYSLSSTLTLSKADYEKHKVYACEVTHQGLSSPVTKSFNRGEC
;
B
#
loop_
_chem_comp.id
_chem_comp.type
_chem_comp.name
_chem_comp.formula
CL non-polymer 'CHLORIDE ION' 'Cl -1'
EDO non-polymer 1,2-ETHANEDIOL 'C2 H6 O2'
K non-polymer 'POTASSIUM ION' 'K 1'
PEG non-polymer DI(HYDROXYETHYL)ETHER 'C4 H10 O3'
#
# COMPACT_ATOMS: atom_id res chain seq x y z
N GLN A 1 -4.04 -10.40 -14.41
CA GLN A 1 -2.82 -11.23 -14.63
C GLN A 1 -1.56 -10.37 -14.50
N VAL A 2 -1.27 -9.93 -13.28
CA VAL A 2 -0.04 -9.19 -13.06
C VAL A 2 1.14 -10.10 -13.40
N GLN A 3 2.01 -9.63 -14.30
CA GLN A 3 3.22 -10.36 -14.63
C GLN A 3 4.41 -9.41 -14.70
N LEU A 4 5.58 -9.93 -14.33
CA LEU A 4 6.86 -9.26 -14.52
C LEU A 4 7.72 -10.22 -15.34
N GLN A 5 7.79 -9.98 -16.64
CA GLN A 5 8.52 -10.86 -17.55
C GLN A 5 9.96 -10.40 -17.66
N GLN A 6 10.89 -11.25 -17.24
CA GLN A 6 12.32 -10.98 -17.33
C GLN A 6 12.92 -11.84 -18.43
N SER A 7 14.11 -11.44 -18.86
CA SER A 7 14.78 -12.14 -19.94
C SER A 7 15.35 -13.47 -19.45
N GLY A 8 15.77 -14.29 -20.41
CA GLY A 8 16.40 -15.54 -20.09
C GLY A 8 17.87 -15.38 -19.75
N ALA A 9 18.45 -16.46 -19.22
CA ALA A 9 19.83 -16.45 -18.80
C ALA A 9 20.70 -15.66 -19.76
N GLU A 10 21.61 -14.87 -19.20
CA GLU A 10 22.48 -14.02 -19.97
C GLU A 10 23.93 -14.27 -19.57
N LEU A 11 24.80 -14.29 -20.57
CA LEU A 11 26.23 -14.50 -20.40
C LEU A 11 26.96 -13.24 -20.84
N ALA A 12 28.03 -12.91 -20.12
CA ALA A 12 28.74 -11.66 -20.39
C ALA A 12 30.18 -11.77 -19.93
N ARG A 13 31.03 -11.07 -20.59
CA ARG A 13 32.47 -11.17 -20.33
C ARG A 13 32.89 -10.13 -19.32
N PRO A 14 33.91 -10.42 -18.51
CA PRO A 14 34.33 -9.45 -17.50
C PRO A 14 34.66 -8.11 -18.15
N GLY A 15 34.44 -7.04 -17.39
CA GLY A 15 34.64 -5.69 -17.88
C GLY A 15 33.50 -5.14 -18.72
N ALA A 16 32.64 -5.99 -19.25
CA ALA A 16 31.56 -5.54 -20.12
C ALA A 16 30.41 -4.97 -19.28
N SER A 17 29.26 -4.79 -19.94
CA SER A 17 28.04 -4.31 -19.30
C SER A 17 26.88 -5.14 -19.80
N VAL A 18 25.80 -5.14 -19.01
CA VAL A 18 24.54 -5.79 -19.39
C VAL A 18 23.42 -4.83 -19.04
N LYS A 19 22.29 -4.97 -19.73
CA LYS A 19 21.08 -4.20 -19.45
C LYS A 19 19.93 -5.19 -19.38
N LEU A 20 19.47 -5.48 -18.16
CA LEU A 20 18.51 -6.54 -17.94
C LEU A 20 17.09 -5.99 -17.96
N PRO A 21 16.20 -6.52 -18.80
CA PRO A 21 14.85 -5.97 -18.89
C PRO A 21 13.87 -6.63 -17.94
N CYS A 22 12.84 -5.86 -17.57
CA CYS A 22 11.71 -6.36 -16.78
C CYS A 22 10.44 -5.78 -17.38
N LYS A 23 9.72 -6.59 -18.13
CA LYS A 23 8.52 -6.12 -18.84
C LYS A 23 7.31 -6.32 -17.93
N ALA A 24 6.65 -5.22 -17.59
CA ALA A 24 5.52 -5.24 -16.68
C ALA A 24 4.22 -5.15 -17.45
N SER A 25 3.21 -5.87 -16.97
CA SER A 25 1.88 -5.86 -17.58
C SER A 25 0.86 -6.20 -16.50
N GLY A 26 -0.41 -5.91 -16.80
CA GLY A 26 -1.51 -6.30 -15.94
C GLY A 26 -1.83 -5.33 -14.81
N TYR A 27 -1.13 -4.22 -14.71
CA TYR A 27 -1.33 -3.23 -13.65
C TYR A 27 -0.80 -1.89 -14.17
N THR A 28 -1.11 -0.82 -13.45
CA THR A 28 -0.71 0.51 -13.87
C THR A 28 0.78 0.71 -13.57
N PHE A 29 1.60 0.55 -14.60
CA PHE A 29 3.06 0.59 -14.44
C PHE A 29 3.52 1.79 -13.63
N THR A 30 2.80 2.90 -13.69
CA THR A 30 3.30 4.13 -13.07
C THR A 30 2.93 4.27 -11.60
N ASN A 31 1.98 3.48 -11.10
CA ASN A 31 1.51 3.63 -9.73
C ASN A 31 2.22 2.70 -8.75
N TYR A 32 3.32 2.07 -9.15
CA TYR A 32 4.00 1.13 -8.26
C TYR A 32 5.50 1.17 -8.47
N GLY A 33 6.25 1.25 -7.39
CA GLY A 33 7.68 1.14 -7.48
C GLY A 33 8.11 -0.26 -7.91
N LEU A 34 9.30 -0.32 -8.51
CA LEU A 34 9.92 -1.58 -8.91
C LEU A 34 11.31 -1.66 -8.28
N ILE A 35 11.69 -2.84 -7.83
CA ILE A 35 13.01 -3.05 -7.26
C ILE A 35 13.74 -4.13 -8.04
N TRP A 36 15.04 -4.20 -7.81
CA TRP A 36 15.89 -5.27 -8.31
C TRP A 36 16.57 -5.92 -7.11
N VAL A 37 16.69 -7.24 -7.15
CA VAL A 37 17.23 -8.01 -6.05
C VAL A 37 18.26 -9.00 -6.60
N LYS A 38 19.44 -9.01 -6.00
CA LYS A 38 20.48 -9.95 -6.36
C LYS A 38 20.40 -11.16 -5.45
N GLN A 39 20.66 -12.34 -6.02
CA GLN A 39 20.75 -13.57 -5.23
C GLN A 39 21.79 -14.47 -5.87
N ARG A 40 22.90 -14.71 -5.17
CA ARG A 40 23.91 -15.67 -5.59
C ARG A 40 23.65 -17.04 -4.99
N SER A 41 23.78 -18.08 -5.82
CA SER A 41 23.75 -19.46 -5.36
C SER A 41 22.52 -19.77 -4.52
N GLY A 42 21.35 -19.33 -5.00
CA GLY A 42 20.06 -19.60 -4.38
C GLY A 42 19.97 -19.29 -2.90
N GLN A 43 20.68 -18.25 -2.46
CA GLN A 43 21.06 -18.11 -1.06
C GLN A 43 20.41 -16.92 -0.40
N GLY A 44 20.87 -15.71 -0.69
CA GLY A 44 20.33 -14.56 0.01
C GLY A 44 19.70 -13.52 -0.89
N LEU A 45 18.84 -12.65 -0.34
CA LEU A 45 18.18 -11.60 -1.09
C LEU A 45 18.87 -10.29 -0.74
N GLU A 46 19.54 -9.69 -1.72
CA GLU A 46 20.23 -8.43 -1.56
C GLU A 46 19.48 -7.37 -2.36
N TRP A 47 19.05 -6.31 -1.68
CA TRP A 47 18.35 -5.21 -2.35
C TRP A 47 19.33 -4.33 -3.10
N ILE A 48 19.08 -4.14 -4.40
CA ILE A 48 19.95 -3.32 -5.24
C ILE A 48 19.48 -1.87 -5.29
N GLY A 49 18.19 -1.68 -5.54
CA GLY A 49 17.66 -0.33 -5.63
C GLY A 49 16.23 -0.38 -6.10
N GLU A 50 15.61 0.80 -6.08
CA GLU A 50 14.21 0.96 -6.44
C GLU A 50 14.06 2.14 -7.39
N ILE A 51 13.12 2.01 -8.32
CA ILE A 51 12.80 3.09 -9.25
C ILE A 51 11.29 3.28 -9.25
N TYR A 52 10.86 4.54 -9.32
CA TYR A 52 9.45 4.87 -9.48
C TYR A 52 9.20 5.35 -10.91
N PRO A 53 8.54 4.57 -11.77
CA PRO A 53 8.42 4.98 -13.17
C PRO A 53 7.78 6.35 -13.38
N ARG A 54 6.69 6.65 -12.66
CA ARG A 54 6.02 7.94 -12.85
C ARG A 54 6.97 9.10 -12.57
N SER A 55 7.61 9.09 -11.41
CA SER A 55 8.56 10.13 -11.06
C SER A 55 9.91 9.98 -11.75
N GLY A 56 10.31 8.74 -12.07
CA GLY A 56 11.64 8.47 -12.57
C GLY A 56 12.72 8.44 -11.53
N ASN A 57 12.38 8.71 -10.26
CA ASN A 57 13.39 8.74 -9.21
C ASN A 57 13.91 7.35 -8.89
N THR A 58 15.13 7.31 -8.37
CA THR A 58 15.82 6.06 -8.08
C THR A 58 16.47 6.15 -6.71
N TYR A 59 16.46 5.01 -6.00
CA TYR A 59 17.06 4.88 -4.69
C TYR A 59 17.92 3.63 -4.71
N TYR A 60 19.22 3.78 -4.44
CA TYR A 60 20.16 2.70 -4.57
C TYR A 60 20.67 2.25 -3.20
N ASN A 61 21.01 0.96 -3.13
CA ASN A 61 21.84 0.46 -2.05
C ASN A 61 23.25 1.02 -2.22
N GLU A 62 23.80 1.57 -1.14
CA GLU A 62 25.10 2.22 -1.24
C GLU A 62 26.13 1.32 -1.90
N LYS A 63 26.09 0.01 -1.61
CA LYS A 63 27.06 -0.92 -2.17
C LYS A 63 26.92 -1.05 -3.68
N PHE A 64 25.75 -0.75 -4.24
CA PHE A 64 25.52 -0.83 -5.68
C PHE A 64 25.51 0.53 -6.33
N LYS A 65 25.92 1.58 -5.61
CA LYS A 65 26.15 2.86 -6.27
C LYS A 65 27.38 2.77 -7.16
N GLY A 66 27.21 3.11 -8.43
CA GLY A 66 28.27 3.02 -9.40
C GLY A 66 28.32 1.71 -10.15
N LYS A 67 27.64 0.68 -9.66
CA LYS A 67 27.57 -0.58 -10.37
C LYS A 67 26.27 -0.76 -11.12
N ALA A 68 25.15 -0.34 -10.52
CA ALA A 68 23.84 -0.59 -11.07
C ALA A 68 23.17 0.73 -11.43
N THR A 69 22.35 0.70 -12.48
CA THR A 69 21.66 1.89 -12.96
C THR A 69 20.27 1.49 -13.41
N LEU A 70 19.25 1.98 -12.71
CA LEU A 70 17.87 1.61 -12.97
C LEU A 70 17.20 2.67 -13.83
N THR A 71 16.47 2.21 -14.83
CA THR A 71 15.70 3.08 -15.70
C THR A 71 14.34 2.43 -15.93
N ALA A 72 13.36 3.26 -16.29
CA ALA A 72 12.00 2.82 -16.50
C ALA A 72 11.47 3.50 -17.76
N ASP A 73 10.82 2.74 -18.62
CA ASP A 73 10.33 3.22 -19.90
C ASP A 73 8.81 3.11 -19.88
N LYS A 74 8.14 4.23 -19.60
CA LYS A 74 6.69 4.20 -19.46
C LYS A 74 6.01 3.70 -20.74
N SER A 75 6.64 3.91 -21.90
CA SER A 75 6.02 3.55 -23.17
C SER A 75 5.86 2.04 -23.30
N SER A 76 6.91 1.29 -22.98
CA SER A 76 6.89 -0.17 -23.07
C SER A 76 6.53 -0.86 -21.77
N SER A 77 6.31 -0.09 -20.69
CA SER A 77 6.08 -0.67 -19.36
C SER A 77 7.19 -1.64 -19.02
N THR A 78 8.43 -1.20 -19.22
CA THR A 78 9.60 -2.03 -19.02
C THR A 78 10.59 -1.30 -18.11
N ALA A 79 11.01 -1.96 -17.05
CA ALA A 79 12.12 -1.48 -16.24
C ALA A 79 13.41 -2.11 -16.73
N TYR A 80 14.51 -1.39 -16.55
CA TYR A 80 15.82 -1.87 -16.94
C TYR A 80 16.79 -1.67 -15.80
N MET A 81 17.69 -2.64 -15.62
CA MET A 81 18.85 -2.47 -14.74
C MET A 81 20.11 -2.68 -15.57
N GLU A 82 21.03 -1.72 -15.49
CA GLU A 82 22.29 -1.79 -16.21
C GLU A 82 23.41 -2.07 -15.21
N LEU A 83 24.09 -3.19 -15.40
CA LEU A 83 25.25 -3.54 -14.58
C LEU A 83 26.51 -3.19 -15.38
N ARG A 84 27.36 -2.37 -14.78
CA ARG A 84 28.53 -1.82 -15.44
C ARG A 84 29.79 -2.43 -14.84
N SER A 85 30.85 -2.51 -15.65
CA SER A 85 32.15 -3.00 -15.19
C SER A 85 32.03 -4.38 -14.56
N LEU A 86 31.57 -5.33 -15.39
CA LEU A 86 31.21 -6.64 -14.87
C LEU A 86 32.43 -7.37 -14.32
N ALA A 87 32.22 -8.15 -13.26
CA ALA A 87 33.26 -8.95 -12.64
C ALA A 87 32.67 -10.32 -12.30
N SER A 88 33.52 -11.19 -11.78
CA SER A 88 33.08 -12.53 -11.40
C SER A 88 32.00 -12.48 -10.34
N GLU A 89 32.17 -11.62 -9.34
CA GLU A 89 31.20 -11.55 -8.23
C GLU A 89 29.81 -10.98 -8.61
N ASP A 90 29.62 -10.53 -9.83
CA ASP A 90 28.33 -10.11 -10.30
C ASP A 90 27.53 -11.25 -10.91
N SER A 91 28.11 -12.43 -11.06
CA SER A 91 27.37 -13.61 -11.50
C SER A 91 26.32 -13.98 -10.46
N ALA A 92 25.06 -14.06 -10.87
CA ALA A 92 23.98 -14.25 -9.91
C ALA A 92 22.64 -14.33 -10.61
N VAL A 93 21.58 -14.53 -9.85
CA VAL A 93 20.23 -14.38 -10.35
C VAL A 93 19.72 -13.04 -9.87
N TYR A 94 19.12 -12.28 -10.78
CA TYR A 94 18.61 -10.95 -10.50
C TYR A 94 17.09 -10.98 -10.66
N PHE A 95 16.39 -10.64 -9.59
CA PHE A 95 14.93 -10.65 -9.60
C PHE A 95 14.37 -9.25 -9.83
N CYS A 96 13.21 -9.20 -10.46
CA CYS A 96 12.39 -8.01 -10.58
C CYS A 96 11.24 -8.14 -9.60
N ALA A 97 10.82 -7.03 -9.01
CA ALA A 97 9.68 -7.11 -8.10
C ALA A 97 8.95 -5.78 -8.00
N LYS A 98 7.64 -5.90 -7.81
CA LYS A 98 6.72 -4.80 -7.76
C LYS A 98 6.20 -4.58 -6.35
N LYS A 99 6.06 -3.32 -5.94
CA LYS A 99 5.58 -3.02 -4.61
C LYS A 99 4.10 -3.39 -4.45
N PHE A 100 3.82 -4.13 -3.38
CA PHE A 100 2.45 -4.50 -3.00
C PHE A 100 1.58 -3.27 -2.79
N MET A 101 2.00 -2.37 -1.90
CA MET A 101 1.25 -1.17 -1.56
C MET A 101 2.24 -0.04 -1.34
N PRO A 102 1.77 1.21 -1.30
CA PRO A 102 2.71 2.34 -1.22
C PRO A 102 3.64 2.28 -0.02
N THR A 103 3.24 1.63 1.07
CA THR A 103 4.05 1.59 2.29
C THR A 103 5.00 0.41 2.34
N GLY A 104 5.02 -0.46 1.30
CA GLY A 104 6.12 -1.37 1.11
C GLY A 104 5.68 -2.80 0.91
N PHE A 105 6.67 -3.69 0.91
CA PHE A 105 6.47 -5.11 0.64
C PHE A 105 6.25 -5.31 -0.85
N PHE A 106 6.37 -6.55 -1.33
CA PHE A 106 6.37 -6.82 -2.77
C PHE A 106 5.58 -8.09 -3.03
N ASP A 107 4.49 -7.96 -3.77
CA ASP A 107 3.56 -9.06 -4.00
C ASP A 107 3.83 -9.84 -5.28
N TYR A 108 4.37 -9.21 -6.32
CA TYR A 108 4.66 -9.89 -7.58
C TYR A 108 6.14 -9.77 -7.92
N TRP A 109 6.72 -10.90 -8.34
CA TRP A 109 8.14 -10.96 -8.66
C TRP A 109 8.32 -11.47 -10.07
N GLY A 110 9.36 -10.98 -10.74
CA GLY A 110 9.82 -11.60 -11.97
C GLY A 110 10.46 -12.95 -11.71
N GLN A 111 10.53 -13.77 -12.77
CA GLN A 111 11.04 -15.12 -12.59
C GLN A 111 12.53 -15.14 -12.28
N GLY A 112 13.23 -14.03 -12.51
CA GLY A 112 14.66 -13.99 -12.30
C GLY A 112 15.43 -14.25 -13.57
N THR A 113 16.55 -13.54 -13.75
CA THR A 113 17.44 -13.74 -14.88
C THR A 113 18.82 -14.11 -14.34
N THR A 114 19.34 -15.25 -14.77
CA THR A 114 20.65 -15.72 -14.34
C THR A 114 21.74 -15.07 -15.19
N LEU A 115 22.63 -14.33 -14.54
CA LEU A 115 23.74 -13.67 -15.21
C LEU A 115 25.03 -14.37 -14.83
N THR A 116 25.84 -14.71 -15.84
CA THR A 116 27.12 -15.36 -15.67
C THR A 116 28.22 -14.47 -16.25
N VAL A 117 29.27 -14.24 -15.48
CA VAL A 117 30.41 -13.45 -15.93
C VAL A 117 31.61 -14.39 -15.94
N SER A 118 32.13 -14.66 -17.14
CA SER A 118 33.25 -15.60 -17.27
C SER A 118 34.02 -15.31 -18.54
N SER A 119 35.32 -15.58 -18.50
CA SER A 119 36.20 -15.44 -19.66
C SER A 119 36.35 -16.73 -20.44
N ALA A 120 35.29 -17.52 -20.56
CA ALA A 120 35.36 -18.83 -21.20
C ALA A 120 34.19 -18.96 -22.16
N SER A 121 34.39 -19.75 -23.22
CA SER A 121 33.35 -20.00 -24.19
C SER A 121 32.93 -21.45 -24.15
N THR A 122 31.87 -21.77 -24.90
CA THR A 122 31.28 -23.10 -24.85
C THR A 122 32.36 -24.18 -24.95
N LYS A 123 32.26 -25.17 -24.09
CA LYS A 123 33.18 -26.31 -24.11
C LYS A 123 32.42 -27.53 -23.62
N GLY A 124 32.46 -28.60 -24.39
CA GLY A 124 31.81 -29.83 -24.00
C GLY A 124 32.53 -30.47 -22.83
N PRO A 125 31.85 -31.37 -22.14
CA PRO A 125 32.49 -32.07 -21.02
C PRO A 125 33.30 -33.26 -21.47
N SER A 126 34.21 -33.67 -20.59
CA SER A 126 34.87 -34.97 -20.68
C SER A 126 34.30 -35.83 -19.55
N VAL A 127 33.73 -36.97 -19.91
CA VAL A 127 33.10 -37.87 -18.95
C VAL A 127 34.06 -39.01 -18.66
N PHE A 128 34.52 -39.10 -17.41
CA PHE A 128 35.38 -40.17 -16.97
C PHE A 128 34.65 -41.08 -15.99
N PRO A 129 34.78 -42.40 -16.11
CA PRO A 129 34.05 -43.29 -15.21
C PRO A 129 34.62 -43.23 -13.81
N LEU A 130 33.76 -43.56 -12.83
CA LEU A 130 34.15 -43.76 -11.44
C LEU A 130 33.80 -45.22 -11.14
N ALA A 131 34.77 -46.12 -11.28
CA ALA A 131 34.51 -47.54 -11.25
C ALA A 131 34.32 -48.04 -9.83
N PRO A 132 33.51 -49.09 -9.64
CA PRO A 132 33.38 -49.68 -8.31
C PRO A 132 34.69 -50.28 -7.83
N SER A 133 34.82 -50.40 -6.51
CA SER A 133 36.05 -50.87 -5.90
C SER A 133 36.22 -52.38 -6.16
N SER A 134 37.25 -52.96 -5.55
CA SER A 134 37.62 -54.35 -5.78
C SER A 134 36.43 -55.30 -5.76
N GLY A 139 29.06 -59.73 0.51
CA GLY A 139 28.67 -59.06 -0.72
C GLY A 139 28.55 -57.55 -0.57
N GLY A 140 27.34 -57.09 -0.21
CA GLY A 140 27.09 -55.70 0.06
C GLY A 140 26.57 -54.92 -1.15
N THR A 141 26.56 -53.60 -0.98
CA THR A 141 26.20 -52.67 -2.04
C THR A 141 27.45 -51.95 -2.52
N ALA A 142 27.55 -51.74 -3.83
CA ALA A 142 28.69 -51.06 -4.43
C ALA A 142 28.27 -49.68 -4.92
N ALA A 143 29.25 -48.80 -5.08
CA ALA A 143 29.06 -47.45 -5.59
C ALA A 143 29.85 -47.28 -6.88
N LEU A 144 29.19 -46.66 -7.88
CA LEU A 144 29.84 -46.29 -9.13
C LEU A 144 29.27 -44.95 -9.58
N GLY A 145 29.89 -44.38 -10.62
CA GLY A 145 29.45 -43.07 -11.07
C GLY A 145 30.20 -42.62 -12.30
N CYS A 146 29.97 -41.36 -12.65
CA CYS A 146 30.64 -40.72 -13.77
C CYS A 146 31.07 -39.32 -13.34
N LEU A 147 32.21 -38.87 -13.84
CA LEU A 147 32.75 -37.55 -13.54
C LEU A 147 32.66 -36.72 -14.81
N VAL A 148 31.80 -35.71 -14.79
CA VAL A 148 31.59 -34.81 -15.92
C VAL A 148 32.40 -33.55 -15.63
N LYS A 149 33.51 -33.38 -16.33
CA LYS A 149 34.50 -32.39 -15.93
C LYS A 149 34.84 -31.47 -17.09
N ASP A 150 35.19 -30.24 -16.74
CA ASP A 150 35.69 -29.23 -17.68
C ASP A 150 34.68 -28.98 -18.81
N TYR A 151 33.50 -28.47 -18.42
CA TYR A 151 32.49 -28.05 -19.38
C TYR A 151 32.02 -26.63 -19.06
N PHE A 152 31.34 -26.03 -20.02
CA PHE A 152 30.87 -24.66 -19.91
C PHE A 152 30.00 -24.34 -21.12
N PRO A 153 28.89 -23.60 -20.94
CA PRO A 153 28.34 -23.20 -19.63
C PRO A 153 27.49 -24.32 -19.02
N GLU A 154 26.82 -24.03 -17.92
CA GLU A 154 25.80 -24.96 -17.41
C GLU A 154 24.56 -24.89 -18.29
N PRO A 155 23.68 -25.90 -18.20
CA PRO A 155 23.78 -27.08 -17.34
C PRO A 155 24.16 -28.36 -18.07
N VAL A 156 24.15 -29.49 -17.36
CA VAL A 156 24.30 -30.81 -17.96
C VAL A 156 23.20 -31.68 -17.40
N THR A 157 22.74 -32.62 -18.21
CA THR A 157 21.75 -33.60 -17.80
C THR A 157 22.43 -34.97 -17.76
N VAL A 158 22.31 -35.66 -16.64
CA VAL A 158 22.86 -36.99 -16.48
C VAL A 158 21.74 -37.94 -16.10
N SER A 159 21.59 -39.00 -16.89
CA SER A 159 20.72 -40.12 -16.58
C SER A 159 21.55 -41.40 -16.57
N TRP A 160 20.95 -42.48 -16.07
CA TRP A 160 21.61 -43.78 -15.98
C TRP A 160 20.78 -44.81 -16.72
N ASN A 161 21.42 -45.53 -17.63
CA ASN A 161 20.76 -46.53 -18.47
C ASN A 161 19.50 -45.95 -19.11
N SER A 162 19.66 -44.75 -19.68
CA SER A 162 18.61 -44.11 -20.45
C SER A 162 17.34 -43.91 -19.63
N GLY A 163 17.51 -43.74 -18.31
CA GLY A 163 16.40 -43.55 -17.40
C GLY A 163 15.91 -44.80 -16.72
N ALA A 164 16.35 -45.98 -17.16
CA ALA A 164 15.92 -47.23 -16.55
C ALA A 164 16.52 -47.43 -15.16
N LEU A 165 17.44 -46.57 -14.73
CA LEU A 165 18.08 -46.67 -13.42
C LEU A 165 17.93 -45.33 -12.72
N THR A 166 17.10 -45.30 -11.68
CA THR A 166 16.87 -44.10 -10.89
C THR A 166 17.06 -44.34 -9.41
N SER A 167 16.67 -45.51 -8.91
CA SER A 167 16.86 -45.81 -7.51
C SER A 167 18.34 -45.77 -7.17
N GLY A 168 18.68 -45.03 -6.12
CA GLY A 168 20.05 -44.92 -5.66
C GLY A 168 20.90 -43.87 -6.36
N VAL A 169 20.37 -43.22 -7.39
CA VAL A 169 21.14 -42.24 -8.16
C VAL A 169 21.26 -40.96 -7.35
N HIS A 170 22.43 -40.33 -7.44
CA HIS A 170 22.70 -39.03 -6.82
C HIS A 170 23.55 -38.23 -7.80
N THR A 171 22.94 -37.25 -8.45
CA THR A 171 23.67 -36.32 -9.32
C THR A 171 23.89 -35.04 -8.51
N PHE A 172 25.15 -34.74 -8.22
CA PHE A 172 25.46 -33.64 -7.34
C PHE A 172 25.43 -32.31 -8.07
N PRO A 173 25.27 -31.21 -7.35
CA PRO A 173 25.43 -29.89 -7.98
C PRO A 173 26.82 -29.71 -8.56
N ALA A 174 26.90 -28.99 -9.67
CA ALA A 174 28.17 -28.68 -10.28
C ALA A 174 28.95 -27.71 -9.41
N VAL A 175 30.27 -27.74 -9.56
CA VAL A 175 31.16 -26.78 -8.92
C VAL A 175 31.88 -26.01 -10.03
N LEU A 176 32.30 -24.78 -9.70
CA LEU A 176 33.05 -23.94 -10.62
C LEU A 176 34.52 -24.01 -10.26
N GLN A 177 35.31 -24.54 -11.17
CA GLN A 177 36.75 -24.62 -10.97
C GLN A 177 37.41 -23.27 -11.24
N SER A 178 38.65 -23.13 -10.79
CA SER A 178 39.40 -21.90 -11.05
C SER A 178 39.61 -21.67 -12.55
N SER A 179 39.52 -22.72 -13.37
CA SER A 179 39.68 -22.57 -14.81
C SER A 179 38.45 -21.97 -15.47
N GLY A 180 37.43 -21.58 -14.70
CA GLY A 180 36.19 -21.12 -15.29
C GLY A 180 35.32 -22.20 -15.88
N LEU A 181 35.68 -23.46 -15.69
CA LEU A 181 34.93 -24.59 -16.21
C LEU A 181 34.26 -25.33 -15.07
N TYR A 182 33.12 -25.94 -15.37
CA TYR A 182 32.32 -26.65 -14.37
C TYR A 182 32.68 -28.13 -14.35
N SER A 183 32.44 -28.75 -13.20
CA SER A 183 32.73 -30.16 -13.00
C SER A 183 31.67 -30.74 -12.08
N LEU A 184 31.10 -31.88 -12.47
CA LEU A 184 29.95 -32.45 -11.78
C LEU A 184 30.15 -33.95 -11.65
N SER A 185 29.48 -34.52 -10.64
CA SER A 185 29.52 -35.95 -10.35
C SER A 185 28.12 -36.52 -10.33
N SER A 186 27.97 -37.72 -10.86
CA SER A 186 26.75 -38.50 -10.75
C SER A 186 27.13 -39.91 -10.32
N VAL A 187 26.49 -40.41 -9.27
CA VAL A 187 26.83 -41.71 -8.71
C VAL A 187 25.55 -42.48 -8.47
N VAL A 188 25.70 -43.80 -8.36
CA VAL A 188 24.59 -44.69 -8.00
C VAL A 188 25.15 -45.88 -7.23
N THR A 189 24.44 -46.27 -6.19
CA THR A 189 24.74 -47.48 -5.44
C THR A 189 23.91 -48.63 -6.01
N VAL A 190 24.55 -49.79 -6.16
CA VAL A 190 23.89 -50.98 -6.70
C VAL A 190 24.37 -52.19 -5.92
N PRO A 191 23.66 -53.30 -6.02
CA PRO A 191 24.12 -54.54 -5.35
C PRO A 191 25.39 -55.05 -6.00
N SER A 192 26.33 -55.50 -5.16
CA SER A 192 27.60 -56.01 -5.68
C SER A 192 27.39 -57.16 -6.65
N SER A 193 26.35 -57.97 -6.44
CA SER A 193 26.03 -59.03 -7.39
C SER A 193 25.82 -58.48 -8.79
N SER A 194 25.30 -57.27 -8.90
CA SER A 194 24.96 -56.72 -10.22
C SER A 194 26.19 -56.45 -11.06
N LEU A 195 27.33 -56.16 -10.42
CA LEU A 195 28.54 -55.86 -11.17
C LEU A 195 28.97 -57.08 -11.98
N GLY A 196 29.16 -56.87 -13.27
CA GLY A 196 29.45 -57.97 -14.18
C GLY A 196 28.24 -58.39 -14.99
N THR A 197 27.15 -58.72 -14.29
CA THR A 197 25.94 -59.15 -14.99
C THR A 197 25.13 -57.98 -15.52
N GLN A 198 25.06 -56.89 -14.75
CA GLN A 198 24.34 -55.69 -15.15
C GLN A 198 25.32 -54.66 -15.68
N THR A 199 24.97 -54.03 -16.80
CA THR A 199 25.77 -52.95 -17.38
C THR A 199 25.22 -51.60 -16.94
N TYR A 200 26.12 -50.65 -16.71
CA TYR A 200 25.77 -49.33 -16.16
C TYR A 200 26.37 -48.27 -17.06
N ILE A 201 25.53 -47.48 -17.71
CA ILE A 201 25.95 -46.44 -18.64
C ILE A 201 25.34 -45.12 -18.18
N CYS A 202 26.20 -44.17 -17.83
CA CYS A 202 25.73 -42.82 -17.53
C CYS A 202 25.57 -42.06 -18.84
N ASN A 203 24.46 -41.35 -18.97
CA ASN A 203 24.09 -40.63 -20.19
C ASN A 203 24.17 -39.13 -19.92
N VAL A 204 25.18 -38.49 -20.49
CA VAL A 204 25.46 -37.08 -20.24
C VAL A 204 25.14 -36.28 -21.50
N ASN A 205 24.40 -35.20 -21.33
CA ASN A 205 23.97 -34.35 -22.43
C ASN A 205 24.21 -32.91 -22.04
N HIS A 206 24.98 -32.18 -22.86
CA HIS A 206 25.33 -30.79 -22.63
C HIS A 206 24.76 -29.99 -23.79
N LYS A 207 23.49 -29.59 -23.67
CA LYS A 207 22.83 -28.91 -24.78
C LYS A 207 23.60 -27.67 -25.23
N PRO A 208 24.18 -26.86 -24.34
CA PRO A 208 24.88 -25.65 -24.81
C PRO A 208 25.98 -25.93 -25.83
N SER A 209 26.41 -27.18 -25.98
CA SER A 209 27.45 -27.53 -26.94
C SER A 209 27.04 -28.71 -27.81
N ASN A 210 25.79 -29.15 -27.74
CA ASN A 210 25.30 -30.28 -28.55
CA ASN A 210 25.31 -30.27 -28.55
C ASN A 210 26.18 -31.51 -28.32
N THR A 211 26.61 -31.70 -27.07
CA THR A 211 27.45 -32.82 -26.68
C THR A 211 26.59 -33.89 -26.03
N LYS A 212 26.56 -35.08 -26.62
CA LYS A 212 25.83 -36.22 -26.08
C LYS A 212 26.83 -37.36 -25.95
N VAL A 213 27.13 -37.74 -24.71
CA VAL A 213 28.13 -38.75 -24.41
C VAL A 213 27.50 -39.83 -23.57
N ASP A 214 27.75 -41.10 -23.92
CA ASP A 214 27.37 -42.26 -23.13
C ASP A 214 28.65 -42.98 -22.74
N LYS A 215 28.82 -43.25 -21.45
CA LYS A 215 30.04 -43.84 -20.92
C LYS A 215 29.68 -45.09 -20.14
N ARG A 216 30.23 -46.23 -20.54
CA ARG A 216 30.00 -47.48 -19.83
C ARG A 216 30.97 -47.58 -18.66
N VAL A 217 30.43 -47.68 -17.45
CA VAL A 217 31.23 -47.81 -16.23
C VAL A 217 31.40 -49.29 -15.92
N GLU A 218 32.65 -49.74 -15.84
CA GLU A 218 32.98 -51.15 -15.66
C GLU A 218 33.93 -51.30 -14.49
N PRO A 219 33.87 -52.43 -13.77
CA PRO A 219 34.84 -52.69 -12.71
C PRO A 219 36.25 -52.96 -13.25
N ASP B 1 23.11 -0.15 8.41
CA ASP B 1 21.74 -0.44 7.85
C ASP B 1 20.99 -1.20 8.93
N ILE B 2 19.67 -1.35 8.76
CA ILE B 2 18.89 -2.18 9.67
C ILE B 2 19.16 -3.66 9.34
N VAL B 3 19.77 -4.37 10.28
CA VAL B 3 20.13 -5.76 10.06
C VAL B 3 19.01 -6.65 10.56
N MET B 4 18.49 -7.50 9.67
CA MET B 4 17.43 -8.45 10.00
C MET B 4 18.11 -9.82 10.21
N THR B 5 18.15 -10.26 11.46
CA THR B 5 18.93 -11.44 11.85
C THR B 5 17.99 -12.63 12.00
N GLN B 6 18.12 -13.61 11.11
CA GLN B 6 17.55 -14.93 11.28
C GLN B 6 18.68 -15.81 11.82
N SER B 7 18.63 -16.12 13.12
CA SER B 7 19.77 -16.77 13.77
C SER B 7 19.96 -18.20 13.31
N HIS B 8 18.93 -18.82 12.74
CA HIS B 8 18.97 -20.21 12.33
C HIS B 8 18.97 -20.28 10.80
N LYS B 9 20.11 -20.64 10.22
CA LYS B 9 20.15 -20.90 8.78
C LYS B 9 19.24 -22.06 8.40
N SER B 10 19.02 -22.99 9.34
CA SER B 10 18.26 -24.20 9.06
C SER B 10 17.52 -24.61 10.32
N MET B 11 16.35 -25.23 10.13
CA MET B 11 15.56 -25.76 11.25
C MET B 11 15.03 -27.12 10.85
N SER B 12 15.06 -28.06 11.80
CA SER B 12 14.56 -29.41 11.61
C SER B 12 13.16 -29.49 12.19
N THR B 13 12.24 -30.04 11.41
CA THR B 13 10.86 -30.22 11.85
C THR B 13 10.32 -31.50 11.22
N SER B 14 9.04 -31.76 11.44
CA SER B 14 8.41 -32.97 10.94
C SER B 14 7.03 -32.62 10.42
N ILE B 15 6.55 -33.46 9.50
CA ILE B 15 5.21 -33.26 8.97
C ILE B 15 4.22 -33.22 10.12
N GLY B 16 3.23 -32.33 10.02
CA GLY B 16 2.22 -32.20 11.04
C GLY B 16 2.62 -31.40 12.27
N ASP B 17 3.90 -31.27 12.55
CA ASP B 17 4.32 -30.55 13.75
C ASP B 17 4.28 -29.04 13.53
N ARG B 18 4.59 -28.31 14.60
CA ARG B 18 4.52 -26.86 14.60
C ARG B 18 5.93 -26.31 14.71
N VAL B 19 6.26 -25.36 13.84
CA VAL B 19 7.59 -24.78 13.80
C VAL B 19 7.43 -23.25 13.73
N SER B 20 8.36 -22.54 14.37
CA SER B 20 8.35 -21.09 14.41
C SER B 20 9.73 -20.60 14.02
N ILE B 21 9.79 -19.74 13.00
CA ILE B 21 11.04 -19.16 12.51
C ILE B 21 11.16 -17.74 13.05
N THR B 22 12.37 -17.39 13.48
CA THR B 22 12.62 -16.14 14.17
C THR B 22 13.35 -15.15 13.27
N CYS B 23 13.13 -13.87 13.56
CA CYS B 23 13.82 -12.76 12.93
C CYS B 23 13.90 -11.65 13.97
N LYS B 24 15.10 -11.11 14.18
CA LYS B 24 15.30 -9.99 15.07
C LYS B 24 15.86 -8.80 14.28
N ALA B 25 15.28 -7.62 14.48
CA ALA B 25 15.74 -6.41 13.81
C ALA B 25 16.67 -5.62 14.72
N SER B 26 17.71 -5.04 14.12
CA SER B 26 18.68 -4.28 14.91
C SER B 26 18.17 -2.92 15.34
N GLN B 27 17.02 -2.48 14.82
CA GLN B 27 16.39 -1.22 15.17
C GLN B 27 14.88 -1.43 15.16
N ASP B 28 14.18 -0.60 15.91
CA ASP B 28 12.73 -0.66 15.92
C ASP B 28 12.20 -0.45 14.51
N VAL B 29 11.40 -1.39 14.02
CA VAL B 29 10.78 -1.27 12.71
C VAL B 29 9.25 -1.33 12.80
N SER B 30 8.71 -1.11 13.99
CA SER B 30 7.26 -1.16 14.25
C SER B 30 6.73 -2.49 13.71
N ILE B 31 5.76 -2.48 12.81
CA ILE B 31 5.28 -3.72 12.21
C ILE B 31 5.67 -3.83 10.74
N ALA B 32 6.62 -3.01 10.28
CA ALA B 32 6.99 -2.97 8.87
C ALA B 32 7.89 -4.16 8.52
N VAL B 33 7.30 -5.35 8.64
CA VAL B 33 8.00 -6.60 8.38
C VAL B 33 7.12 -7.46 7.49
N ALA B 34 7.77 -8.16 6.55
CA ALA B 34 7.11 -9.12 5.68
C ALA B 34 7.90 -10.42 5.71
N TRP B 35 7.22 -11.52 5.35
CA TRP B 35 7.85 -12.83 5.28
C TRP B 35 7.64 -13.40 3.89
N TYR B 36 8.71 -13.91 3.29
CA TYR B 36 8.66 -14.48 1.95
C TYR B 36 9.11 -15.92 1.98
N GLN B 37 8.51 -16.72 1.12
CA GLN B 37 8.87 -18.13 0.95
C GLN B 37 9.51 -18.32 -0.43
N GLN B 38 10.55 -19.14 -0.49
CA GLN B 38 11.20 -19.43 -1.76
C GLN B 38 11.68 -20.87 -1.84
N ASN B 39 11.27 -21.56 -2.88
CA ASN B 39 11.72 -22.88 -3.25
C ASN B 39 12.83 -22.80 -4.30
N PRO B 40 13.62 -23.86 -4.45
CA PRO B 40 14.73 -23.80 -5.41
C PRO B 40 14.23 -23.54 -6.83
N GLY B 41 14.86 -22.58 -7.50
CA GLY B 41 14.54 -22.25 -8.87
C GLY B 41 13.36 -21.32 -9.07
N GLN B 42 12.55 -21.08 -8.03
CA GLN B 42 11.40 -20.20 -8.13
C GLN B 42 11.71 -18.83 -7.51
N SER B 43 10.77 -17.88 -7.72
CA SER B 43 10.86 -16.55 -7.16
C SER B 43 10.30 -16.52 -5.73
N PRO B 44 10.77 -15.61 -4.89
CA PRO B 44 10.15 -15.45 -3.58
C PRO B 44 8.66 -15.21 -3.70
N LYS B 45 7.91 -15.84 -2.78
CA LYS B 45 6.46 -15.66 -2.68
C LYS B 45 6.17 -14.98 -1.35
N LEU B 46 5.31 -13.96 -1.38
CA LEU B 46 4.93 -13.26 -0.17
C LEU B 46 3.84 -14.04 0.57
N LEU B 47 4.00 -14.19 1.88
CA LEU B 47 3.05 -14.91 2.72
C LEU B 47 2.46 -14.03 3.81
N ILE B 48 3.31 -13.29 4.53
CA ILE B 48 2.88 -12.45 5.65
C ILE B 48 3.42 -11.05 5.43
N PHE B 49 2.59 -10.05 5.70
CA PHE B 49 3.03 -8.66 5.59
C PHE B 49 2.52 -7.86 6.77
N SER B 50 3.15 -6.71 6.99
CA SER B 50 2.87 -5.88 8.16
C SER B 50 2.81 -6.73 9.42
N ALA B 51 3.70 -7.71 9.47
CA ALA B 51 3.99 -8.48 10.67
C ALA B 51 3.03 -9.64 10.92
N SER B 52 1.72 -9.41 10.75
CA SER B 52 0.76 -10.45 11.08
C SER B 52 -0.38 -10.66 10.09
N TYR B 53 -0.40 -9.98 8.95
CA TYR B 53 -1.50 -10.13 8.01
C TYR B 53 -1.10 -11.09 6.89
N ARG B 54 -2.00 -12.00 6.55
CA ARG B 54 -1.73 -12.97 5.49
C ARG B 54 -1.96 -12.34 4.13
N TYR B 55 -1.00 -12.54 3.22
CA TYR B 55 -1.22 -12.19 1.83
C TYR B 55 -2.35 -13.05 1.28
N THR B 56 -3.07 -12.53 0.29
CA THR B 56 -4.14 -13.28 -0.35
C THR B 56 -3.64 -14.63 -0.85
N GLY B 57 -4.37 -15.68 -0.48
CA GLY B 57 -4.07 -17.01 -0.96
C GLY B 57 -3.24 -17.87 -0.04
N VAL B 58 -3.03 -17.45 1.20
CA VAL B 58 -2.12 -18.11 2.12
C VAL B 58 -2.99 -18.84 3.15
N PRO B 59 -2.82 -20.16 3.31
CA PRO B 59 -3.68 -20.89 4.25
C PRO B 59 -3.45 -20.42 5.69
N ASP B 60 -4.43 -20.70 6.54
CA ASP B 60 -4.35 -20.29 7.94
C ASP B 60 -3.17 -20.92 8.68
N ARG B 61 -2.50 -21.91 8.08
CA ARG B 61 -1.37 -22.55 8.74
C ARG B 61 -0.25 -21.55 9.00
N PHE B 62 -0.14 -20.51 8.17
CA PHE B 62 0.89 -19.49 8.32
C PHE B 62 0.34 -18.32 9.13
N THR B 63 0.97 -18.05 10.27
CA THR B 63 0.65 -16.89 11.09
C THR B 63 1.94 -16.12 11.35
N GLY B 64 1.79 -14.82 11.57
CA GLY B 64 2.93 -13.98 11.89
C GLY B 64 2.63 -13.13 13.10
N SER B 65 3.69 -12.82 13.84
CA SER B 65 3.54 -12.02 15.06
C SER B 65 4.81 -11.21 15.32
N GLY B 66 4.63 -10.11 16.02
CA GLY B 66 5.73 -9.27 16.42
C GLY B 66 5.42 -7.80 16.22
N SER B 67 6.17 -6.96 16.93
CA SER B 67 6.09 -5.50 16.80
C SER B 67 7.29 -4.91 17.51
N GLY B 68 8.11 -4.15 16.78
CA GLY B 68 9.31 -3.59 17.37
C GLY B 68 10.57 -4.21 16.79
N THR B 69 11.05 -5.28 17.40
CA THR B 69 12.27 -5.91 16.92
C THR B 69 12.16 -7.42 16.75
N ASP B 70 11.29 -8.06 17.52
CA ASP B 70 11.19 -9.52 17.53
C ASP B 70 10.00 -9.95 16.71
N PHE B 71 10.24 -10.71 15.64
CA PHE B 71 9.18 -11.14 14.75
C PHE B 71 9.30 -12.63 14.50
N THR B 72 8.15 -13.26 14.31
CA THR B 72 8.05 -14.70 14.15
C THR B 72 7.00 -15.04 13.10
N ILE B 73 7.30 -16.04 12.28
CA ILE B 73 6.32 -16.69 11.42
C ILE B 73 6.19 -18.12 11.88
N THR B 74 4.96 -18.58 12.09
CA THR B 74 4.69 -19.90 12.63
C THR B 74 3.90 -20.69 11.59
N ILE B 75 4.32 -21.94 11.38
CA ILE B 75 3.60 -22.88 10.53
C ILE B 75 3.07 -23.98 11.43
N THR B 76 1.75 -24.03 11.60
CA THR B 76 1.10 -25.11 12.32
C THR B 76 0.81 -26.24 11.32
N SER B 77 1.13 -27.47 11.71
CA SER B 77 0.94 -28.62 10.83
C SER B 77 1.74 -28.43 9.53
N VAL B 78 3.05 -28.58 9.67
CA VAL B 78 3.93 -28.46 8.52
C VAL B 78 3.55 -29.49 7.47
N GLN B 79 3.52 -29.07 6.21
CA GLN B 79 3.34 -29.94 5.06
C GLN B 79 4.62 -29.97 4.24
N ALA B 80 4.64 -30.88 3.25
CA ALA B 80 5.84 -31.02 2.43
C ALA B 80 6.13 -29.76 1.63
N GLU B 81 5.09 -29.11 1.11
CA GLU B 81 5.30 -27.92 0.30
C GLU B 81 6.02 -26.83 1.09
N ASP B 82 5.86 -26.83 2.43
CA ASP B 82 6.45 -25.79 3.27
C ASP B 82 7.92 -26.00 3.52
N LEU B 83 8.49 -27.13 3.09
CA LEU B 83 9.93 -27.37 3.24
C LEU B 83 10.67 -26.48 2.26
N ALA B 84 11.00 -25.27 2.68
CA ALA B 84 11.60 -24.29 1.78
C ALA B 84 12.41 -23.30 2.61
N VAL B 85 12.75 -22.17 2.01
CA VAL B 85 13.52 -21.14 2.68
C VAL B 85 12.60 -19.97 2.96
N TYR B 86 12.84 -19.29 4.07
CA TYR B 86 11.97 -18.22 4.58
C TYR B 86 12.83 -17.00 4.89
N TYR B 87 12.43 -15.84 4.37
CA TYR B 87 13.16 -14.60 4.53
C TYR B 87 12.27 -13.57 5.21
N CYS B 88 12.79 -12.90 6.24
CA CYS B 88 12.13 -11.69 6.72
C CYS B 88 12.63 -10.48 5.94
N GLN B 89 11.84 -9.40 5.97
CA GLN B 89 12.21 -8.17 5.28
C GLN B 89 11.60 -6.99 6.02
N GLN B 90 12.41 -5.99 6.31
CA GLN B 90 11.92 -4.75 6.89
C GLN B 90 11.67 -3.75 5.79
N HIS B 91 10.60 -2.95 5.95
CA HIS B 91 10.31 -1.83 5.07
C HIS B 91 10.13 -0.59 5.90
N HIS B 92 10.92 -0.47 6.96
CA HIS B 92 10.89 0.71 7.81
C HIS B 92 11.66 1.86 7.16
N SER B 93 12.75 1.55 6.47
CA SER B 93 13.62 2.59 5.93
C SER B 93 14.61 1.98 4.94
N ASN B 94 15.26 2.87 4.14
CA ASN B 94 16.29 2.46 3.20
C ASN B 94 17.65 2.40 3.91
N PRO B 95 18.52 1.48 3.51
CA PRO B 95 18.28 0.49 2.46
C PRO B 95 17.34 -0.61 2.93
N LEU B 96 16.49 -1.09 2.03
CA LEU B 96 15.67 -2.25 2.31
C LEU B 96 16.58 -3.46 2.54
N THR B 97 16.24 -4.28 3.53
CA THR B 97 17.07 -5.41 3.89
C THR B 97 16.21 -6.65 4.12
N PHE B 98 16.79 -7.79 3.80
CA PHE B 98 16.21 -9.10 4.02
C PHE B 98 17.04 -9.85 5.05
N GLY B 99 16.44 -10.85 5.67
CA GLY B 99 17.19 -11.77 6.48
C GLY B 99 17.94 -12.77 5.62
N ALA B 100 18.81 -13.53 6.26
CA ALA B 100 19.66 -14.46 5.53
C ALA B 100 18.89 -15.69 5.07
N GLY B 101 17.74 -15.95 5.66
CA GLY B 101 16.95 -17.12 5.32
C GLY B 101 17.13 -18.24 6.33
N THR B 102 16.05 -18.99 6.56
CA THR B 102 16.11 -20.24 7.32
C THR B 102 15.41 -21.32 6.51
N LYS B 103 16.14 -22.39 6.18
CA LYS B 103 15.57 -23.49 5.42
C LYS B 103 14.91 -24.49 6.37
N LEU B 104 13.64 -24.79 6.12
CA LEU B 104 12.97 -25.85 6.85
C LEU B 104 13.41 -27.19 6.28
N GLU B 105 13.76 -28.13 7.17
CA GLU B 105 14.25 -29.44 6.81
C GLU B 105 13.55 -30.47 7.68
N LEU B 106 13.46 -31.71 7.20
CA LEU B 106 12.85 -32.79 7.95
C LEU B 106 13.86 -33.44 8.88
N LYS B 107 13.42 -33.73 10.10
CA LYS B 107 14.22 -34.50 11.05
C LYS B 107 14.07 -35.99 10.77
N ARG B 108 15.08 -36.75 11.19
CA ARG B 108 15.03 -38.20 11.13
C ARG B 108 16.17 -38.76 11.97
N THR B 109 16.18 -40.08 12.11
CA THR B 109 17.17 -40.74 12.93
C THR B 109 18.57 -40.59 12.32
N VAL B 110 19.56 -40.39 13.17
CA VAL B 110 20.92 -40.20 12.70
C VAL B 110 21.35 -41.40 11.85
N ALA B 111 22.04 -41.11 10.76
CA ALA B 111 22.55 -42.14 9.86
C ALA B 111 23.96 -41.77 9.43
N ALA B 112 24.91 -42.69 9.62
CA ALA B 112 26.29 -42.40 9.22
C ALA B 112 26.45 -42.54 7.72
N PRO B 113 27.38 -41.80 7.13
CA PRO B 113 27.58 -41.90 5.69
C PRO B 113 28.28 -43.19 5.30
N SER B 114 28.00 -43.65 4.09
CA SER B 114 28.74 -44.74 3.46
C SER B 114 29.80 -44.12 2.57
N VAL B 115 31.06 -44.33 2.89
CA VAL B 115 32.15 -43.63 2.22
C VAL B 115 32.69 -44.51 1.09
N PHE B 116 33.12 -43.84 0.01
CA PHE B 116 33.69 -44.49 -1.15
C PHE B 116 34.72 -43.56 -1.75
N ILE B 117 35.91 -44.08 -2.02
CA ILE B 117 36.95 -43.33 -2.71
C ILE B 117 37.07 -43.89 -4.11
N PHE B 118 37.37 -43.02 -5.07
CA PHE B 118 37.51 -43.40 -6.48
C PHE B 118 38.84 -42.87 -6.99
N PRO B 119 39.70 -43.73 -7.54
CA PRO B 119 40.97 -43.25 -8.10
C PRO B 119 40.73 -42.53 -9.41
N PRO B 120 41.70 -41.72 -9.86
CA PRO B 120 41.58 -41.10 -11.17
C PRO B 120 41.45 -42.12 -12.28
N SER B 121 40.68 -41.77 -13.31
CA SER B 121 40.56 -42.62 -14.48
C SER B 121 41.88 -42.69 -15.24
N ASP B 122 42.17 -43.86 -15.80
CA ASP B 122 43.27 -43.96 -16.76
C ASP B 122 43.03 -43.04 -17.96
N GLU B 123 41.79 -42.98 -18.44
CA GLU B 123 41.47 -42.08 -19.54
C GLU B 123 41.76 -40.63 -19.17
N GLN B 124 41.49 -40.25 -17.93
CA GLN B 124 41.77 -38.88 -17.49
C GLN B 124 43.27 -38.65 -17.36
N LEU B 125 43.99 -39.60 -16.75
CA LEU B 125 45.43 -39.46 -16.58
C LEU B 125 46.13 -39.32 -17.93
N LYS B 126 45.59 -39.95 -18.98
CA LYS B 126 46.14 -39.77 -20.32
C LYS B 126 45.98 -38.35 -20.85
N SER B 127 45.41 -37.42 -20.07
CA SER B 127 45.17 -36.07 -20.52
C SER B 127 45.94 -35.03 -19.73
N GLY B 128 46.49 -35.39 -18.57
CA GLY B 128 47.30 -34.47 -17.78
C GLY B 128 46.75 -34.08 -16.42
N THR B 129 45.46 -34.32 -16.16
CA THR B 129 44.85 -34.02 -14.88
C THR B 129 44.51 -35.31 -14.15
N ALA B 130 44.34 -35.20 -12.83
CA ALA B 130 43.98 -36.34 -12.00
C ALA B 130 42.95 -35.88 -10.96
N SER B 131 41.79 -36.54 -10.94
CA SER B 131 40.72 -36.22 -10.02
C SER B 131 40.43 -37.43 -9.15
N VAL B 132 40.55 -37.26 -7.84
CA VAL B 132 40.20 -38.29 -6.87
C VAL B 132 38.89 -37.90 -6.20
N VAL B 133 37.89 -38.77 -6.29
CA VAL B 133 36.56 -38.46 -5.82
C VAL B 133 36.25 -39.29 -4.58
N CYS B 134 35.77 -38.62 -3.54
CA CYS B 134 35.25 -39.25 -2.33
C CYS B 134 33.75 -38.98 -2.27
N LEU B 135 33.01 -39.94 -1.70
CA LEU B 135 31.55 -39.89 -1.72
C LEU B 135 31.02 -40.31 -0.35
N LEU B 136 30.23 -39.44 0.25
CA LEU B 136 29.51 -39.72 1.48
C LEU B 136 28.05 -39.91 1.11
N ASN B 137 27.54 -41.13 1.24
CA ASN B 137 26.23 -41.49 0.72
C ASN B 137 25.22 -41.60 1.85
N ASN B 138 24.07 -40.95 1.67
CA ASN B 138 22.91 -41.08 2.54
C ASN B 138 23.27 -40.98 4.01
N PHE B 139 23.41 -39.76 4.52
CA PHE B 139 23.74 -39.52 5.92
C PHE B 139 22.84 -38.42 6.46
N TYR B 140 22.71 -38.39 7.78
CA TYR B 140 21.91 -37.38 8.45
C TYR B 140 22.43 -37.23 9.87
N PRO B 141 22.60 -35.99 10.37
CA PRO B 141 22.32 -34.70 9.72
C PRO B 141 23.35 -34.36 8.63
N ARG B 142 23.19 -33.24 7.94
CA ARG B 142 24.03 -32.97 6.79
C ARG B 142 25.35 -32.33 7.16
N GLU B 143 25.56 -31.98 8.42
CA GLU B 143 26.88 -31.49 8.84
C GLU B 143 27.89 -32.64 8.79
N ALA B 144 28.92 -32.49 7.95
CA ALA B 144 29.95 -33.50 7.80
C ALA B 144 31.21 -32.84 7.28
N LYS B 145 32.36 -33.38 7.67
CA LYS B 145 33.66 -32.86 7.24
C LYS B 145 34.42 -33.94 6.49
N VAL B 146 35.11 -33.52 5.45
CA VAL B 146 35.94 -34.40 4.63
C VAL B 146 37.35 -33.83 4.60
N GLN B 147 38.32 -34.59 5.11
CA GLN B 147 39.72 -34.22 5.07
C GLN B 147 40.45 -35.15 4.09
N TRP B 148 41.10 -34.57 3.10
CA TRP B 148 41.91 -35.33 2.16
C TRP B 148 43.35 -35.45 2.67
N LYS B 149 43.91 -36.65 2.58
CA LYS B 149 45.29 -36.89 3.00
C LYS B 149 46.03 -37.65 1.92
N VAL B 150 47.24 -37.18 1.58
CA VAL B 150 48.12 -37.83 0.62
C VAL B 150 49.41 -38.19 1.32
N ASP B 151 49.71 -39.50 1.40
CA ASP B 151 50.86 -39.99 2.17
C ASP B 151 50.76 -39.55 3.63
N ASN B 152 49.56 -39.66 4.18
CA ASN B 152 49.24 -39.26 5.55
C ASN B 152 49.39 -37.77 5.77
N ALA B 153 49.64 -36.99 4.72
CA ALA B 153 49.76 -35.54 4.83
C ALA B 153 48.45 -34.87 4.46
N LEU B 154 47.96 -34.00 5.34
CA LEU B 154 46.71 -33.30 5.08
C LEU B 154 46.83 -32.46 3.81
N GLN B 155 45.69 -32.19 3.18
CA GLN B 155 45.60 -31.32 2.02
C GLN B 155 44.64 -30.19 2.34
N SER B 156 44.91 -29.01 1.81
CA SER B 156 43.99 -27.90 2.00
C SER B 156 44.00 -27.01 0.77
N GLY B 157 42.86 -26.40 0.50
CA GLY B 157 42.72 -25.51 -0.64
C GLY B 157 42.87 -26.17 -1.99
N ASN B 158 42.79 -27.50 -2.04
N ASN B 158 42.82 -27.50 -2.06
CA ASN B 158 43.01 -28.26 -3.27
CA ASN B 158 42.98 -28.21 -3.33
C ASN B 158 41.80 -29.07 -3.67
C ASN B 158 41.83 -29.16 -3.60
N SER B 159 40.68 -28.93 -2.98
CA SER B 159 39.50 -29.76 -3.19
C SER B 159 38.24 -28.90 -3.21
N GLN B 160 37.22 -29.38 -3.92
CA GLN B 160 35.91 -28.77 -3.95
C GLN B 160 34.86 -29.77 -3.48
N GLU B 161 33.74 -29.23 -2.98
CA GLU B 161 32.73 -30.01 -2.28
C GLU B 161 31.34 -29.62 -2.78
N SER B 162 30.42 -30.57 -2.68
CA SER B 162 29.08 -30.38 -3.22
C SER B 162 28.15 -31.36 -2.53
N VAL B 163 26.96 -30.88 -2.16
CA VAL B 163 26.01 -31.65 -1.37
C VAL B 163 24.64 -31.58 -2.05
N THR B 164 23.87 -32.65 -1.88
CA THR B 164 22.55 -32.72 -2.50
C THR B 164 21.48 -32.18 -1.56
N GLU B 165 20.27 -32.08 -2.09
CA GLU B 165 19.12 -31.67 -1.28
C GLU B 165 18.56 -32.88 -0.54
N GLN B 166 17.80 -32.60 0.51
CA GLN B 166 17.29 -33.67 1.36
C GLN B 166 16.45 -34.64 0.54
N ASP B 167 16.81 -35.91 0.58
CA ASP B 167 16.14 -36.91 -0.24
C ASP B 167 14.66 -36.96 0.10
N SER B 168 13.83 -37.05 -0.94
CA SER B 168 12.39 -37.12 -0.74
C SER B 168 11.99 -38.35 0.07
N LYS B 169 12.63 -39.49 -0.20
CA LYS B 169 12.25 -40.74 0.46
C LYS B 169 13.06 -41.01 1.73
N ASP B 170 14.38 -40.79 1.69
CA ASP B 170 15.24 -41.14 2.82
C ASP B 170 15.36 -40.03 3.85
N SER B 171 15.13 -38.77 3.47
CA SER B 171 15.43 -37.61 4.30
C SER B 171 16.92 -37.55 4.65
N THR B 172 17.76 -38.13 3.79
CA THR B 172 19.21 -38.17 3.97
C THR B 172 19.87 -37.18 3.01
N TYR B 173 21.20 -37.11 3.12
CA TYR B 173 22.01 -36.22 2.30
C TYR B 173 23.22 -36.99 1.77
N SER B 174 23.76 -36.49 0.66
CA SER B 174 24.95 -37.07 0.05
C SER B 174 25.93 -35.95 -0.28
N LEU B 175 27.21 -36.28 -0.31
CA LEU B 175 28.26 -35.31 -0.56
C LEU B 175 29.30 -35.91 -1.48
N SER B 176 29.86 -35.06 -2.36
CA SER B 176 30.83 -35.48 -3.35
C SER B 176 31.99 -34.49 -3.28
N SER B 177 33.14 -34.94 -2.78
CA SER B 177 34.34 -34.12 -2.74
C SER B 177 35.34 -34.60 -3.79
N THR B 178 35.98 -33.66 -4.48
CA THR B 178 36.91 -33.97 -5.54
C THR B 178 38.25 -33.31 -5.23
N LEU B 179 39.29 -34.13 -5.06
CA LEU B 179 40.66 -33.65 -4.95
C LEU B 179 41.29 -33.63 -6.33
N THR B 180 41.76 -32.46 -6.74
CA THR B 180 42.30 -32.26 -8.09
C THR B 180 43.81 -32.03 -7.98
N LEU B 181 44.58 -32.95 -8.53
CA LEU B 181 46.02 -32.87 -8.58
C LEU B 181 46.48 -32.93 -10.04
N SER B 182 47.76 -32.64 -10.25
CA SER B 182 48.33 -32.81 -11.57
C SER B 182 48.75 -34.26 -11.80
N LYS B 183 48.85 -34.65 -13.07
CA LYS B 183 49.35 -35.98 -13.36
C LYS B 183 50.74 -36.18 -12.77
N ALA B 184 51.56 -35.12 -12.77
CA ALA B 184 52.89 -35.22 -12.20
C ALA B 184 52.82 -35.44 -10.69
N ASP B 185 52.00 -34.65 -10.00
CA ASP B 185 51.91 -34.79 -8.54
C ASP B 185 51.27 -36.11 -8.15
N TYR B 186 50.26 -36.55 -8.91
CA TYR B 186 49.60 -37.81 -8.58
C TYR B 186 50.54 -38.98 -8.73
N GLU B 187 51.31 -39.03 -9.83
CA GLU B 187 52.22 -40.15 -10.06
C GLU B 187 53.44 -40.13 -9.14
N LYS B 188 53.60 -39.11 -8.30
CA LYS B 188 54.75 -39.01 -7.40
C LYS B 188 54.45 -39.47 -5.98
N HIS B 189 53.19 -39.70 -5.63
CA HIS B 189 52.79 -40.13 -4.29
C HIS B 189 52.11 -41.49 -4.35
N LYS B 190 51.97 -42.11 -3.18
CA LYS B 190 51.53 -43.50 -3.12
C LYS B 190 50.09 -43.63 -2.67
N VAL B 191 49.82 -43.38 -1.38
CA VAL B 191 48.51 -43.64 -0.80
C VAL B 191 47.69 -42.35 -0.85
N TYR B 192 46.39 -42.51 -1.14
CA TYR B 192 45.43 -41.41 -1.18
C TYR B 192 44.24 -41.78 -0.29
N ALA B 193 43.95 -40.92 0.69
CA ALA B 193 42.93 -41.24 1.69
C ALA B 193 41.92 -40.12 1.81
N CYS B 194 40.69 -40.54 2.10
CA CYS B 194 39.57 -39.66 2.40
C CYS B 194 39.14 -39.96 3.83
N GLU B 195 39.26 -38.97 4.72
CA GLU B 195 38.82 -39.11 6.10
C GLU B 195 37.50 -38.38 6.28
N VAL B 196 36.52 -39.06 6.86
CA VAL B 196 35.16 -38.54 6.98
C VAL B 196 34.80 -38.45 8.45
N THR B 197 34.40 -37.26 8.88
CA THR B 197 33.90 -37.02 10.23
C THR B 197 32.40 -36.77 10.17
N HIS B 198 31.66 -37.39 11.08
CA HIS B 198 30.21 -37.23 11.08
C HIS B 198 29.68 -37.53 12.48
N GLN B 199 28.62 -36.80 12.85
CA GLN B 199 27.99 -37.00 14.15
C GLN B 199 27.71 -38.47 14.42
N GLY B 200 27.21 -39.19 13.42
CA GLY B 200 26.88 -40.59 13.56
C GLY B 200 28.06 -41.53 13.52
N LEU B 201 29.28 -41.01 13.51
CA LEU B 201 30.49 -41.84 13.50
C LEU B 201 31.24 -41.64 14.82
N SER B 202 31.47 -42.75 15.53
CA SER B 202 32.27 -42.68 16.75
C SER B 202 33.66 -42.12 16.46
N SER B 203 34.32 -42.66 15.45
CA SER B 203 35.65 -42.22 15.05
C SER B 203 35.68 -41.93 13.55
N PRO B 204 36.47 -40.95 13.12
CA PRO B 204 36.53 -40.63 11.69
C PRO B 204 36.85 -41.87 10.87
N VAL B 205 36.09 -42.05 9.79
CA VAL B 205 36.30 -43.16 8.88
C VAL B 205 37.24 -42.72 7.77
N THR B 206 38.04 -43.67 7.28
CA THR B 206 39.01 -43.40 6.23
C THR B 206 38.88 -44.48 5.17
N LYS B 207 38.85 -44.07 3.91
CA LYS B 207 38.88 -44.97 2.76
C LYS B 207 40.07 -44.57 1.89
N SER B 208 40.93 -45.53 1.58
CA SER B 208 42.16 -45.25 0.88
C SER B 208 42.33 -46.18 -0.30
N PHE B 209 43.24 -45.81 -1.20
CA PHE B 209 43.68 -46.68 -2.26
C PHE B 209 45.15 -46.39 -2.52
N ASN B 210 45.93 -47.45 -2.76
CA ASN B 210 47.32 -47.31 -3.15
C ASN B 210 47.40 -47.13 -4.66
N ARG B 211 48.07 -46.06 -5.10
CA ARG B 211 48.15 -45.79 -6.53
C ARG B 211 48.80 -46.94 -7.29
N GLY B 212 47.99 -47.78 -7.93
CA GLY B 212 48.49 -48.92 -8.70
C GLY B 212 47.70 -50.20 -8.51
N GLN C 1 -17.60 0.11 0.65
CA GLN C 1 -16.81 1.16 -0.05
C GLN C 1 -15.56 1.56 0.73
N VAL C 2 -14.62 2.21 0.04
CA VAL C 2 -13.42 2.77 0.67
C VAL C 2 -13.81 4.08 1.35
N GLN C 3 -13.68 4.11 2.67
CA GLN C 3 -14.11 5.31 3.38
C GLN C 3 -13.33 5.46 4.67
N LEU C 4 -13.38 6.68 5.21
CA LEU C 4 -12.69 7.09 6.42
C LEU C 4 -13.69 7.87 7.26
N VAL C 5 -14.00 7.36 8.45
CA VAL C 5 -15.02 7.95 9.32
C VAL C 5 -14.33 8.53 10.54
N GLN C 6 -14.53 9.82 10.76
CA GLN C 6 -13.85 10.58 11.79
C GLN C 6 -14.74 10.75 13.02
N SER C 7 -14.08 10.96 14.16
CA SER C 7 -14.79 11.21 15.40
C SER C 7 -15.59 12.50 15.31
N GLY C 8 -16.47 12.70 16.30
CA GLY C 8 -17.43 13.77 16.25
C GLY C 8 -16.86 15.13 16.59
N ALA C 9 -17.67 16.16 16.32
CA ALA C 9 -17.26 17.53 16.64
C ALA C 9 -17.04 17.68 18.15
N GLU C 10 -16.13 18.58 18.49
CA GLU C 10 -15.77 18.81 19.88
C GLU C 10 -15.47 20.29 20.07
N VAL C 11 -15.69 20.75 21.31
CA VAL C 11 -15.26 22.06 21.77
C VAL C 11 -14.15 21.84 22.80
N LYS C 12 -13.13 22.70 22.75
CA LYS C 12 -11.99 22.59 23.64
C LYS C 12 -11.59 23.98 24.09
N LYS C 13 -11.28 24.11 25.39
CA LYS C 13 -10.86 25.40 25.92
C LYS C 13 -9.48 25.75 25.38
N PRO C 14 -9.19 27.04 25.23
CA PRO C 14 -7.84 27.43 24.77
C PRO C 14 -6.78 26.77 25.65
N GLY C 15 -5.62 26.50 25.06
CA GLY C 15 -4.55 25.84 25.77
C GLY C 15 -4.71 24.36 25.98
N ALA C 16 -5.91 23.81 25.78
CA ALA C 16 -6.09 22.37 25.91
C ALA C 16 -5.61 21.65 24.65
N SER C 17 -5.81 20.34 24.62
CA SER C 17 -5.49 19.52 23.47
C SER C 17 -6.75 18.82 22.95
N VAL C 18 -6.68 18.41 21.69
CA VAL C 18 -7.76 17.70 21.01
C VAL C 18 -7.15 16.50 20.30
N LYS C 19 -7.88 15.40 20.28
CA LYS C 19 -7.48 14.21 19.55
C LYS C 19 -8.62 13.82 18.63
N VAL C 20 -8.38 13.86 17.33
CA VAL C 20 -9.37 13.46 16.32
C VAL C 20 -9.03 12.06 15.85
N SER C 21 -10.06 11.25 15.59
CA SER C 21 -9.91 9.86 15.17
C SER C 21 -10.28 9.73 13.71
N CYS C 22 -9.83 8.63 13.09
CA CYS C 22 -10.15 8.34 11.71
C CYS C 22 -10.06 6.84 11.46
N LYS C 23 -11.20 6.18 11.32
CA LYS C 23 -11.25 4.74 11.11
C LYS C 23 -11.36 4.45 9.62
N ALA C 24 -10.47 3.62 9.12
CA ALA C 24 -10.43 3.26 7.71
C ALA C 24 -11.12 1.92 7.48
N SER C 25 -11.91 1.85 6.41
CA SER C 25 -12.57 0.61 6.03
C SER C 25 -12.62 0.50 4.51
N GLY C 26 -12.61 -0.73 4.02
CA GLY C 26 -12.64 -0.96 2.59
C GLY C 26 -11.29 -0.97 1.91
N TYR C 27 -10.20 -1.01 2.67
CA TYR C 27 -8.86 -1.06 2.09
C TYR C 27 -7.87 -1.38 3.20
N THR C 28 -6.69 -1.82 2.80
CA THR C 28 -5.66 -2.25 3.74
C THR C 28 -5.04 -1.01 4.38
N PHE C 29 -5.49 -0.71 5.60
CA PHE C 29 -5.07 0.49 6.30
C PHE C 29 -3.57 0.65 6.30
N THR C 30 -2.84 -0.43 6.62
CA THR C 30 -1.39 -0.34 6.76
C THR C 30 -0.68 0.00 5.45
N GLY C 31 -1.36 -0.10 4.31
CA GLY C 31 -0.67 0.04 3.04
C GLY C 31 -0.56 1.42 2.46
N TYR C 32 -1.21 2.44 3.04
CA TYR C 32 -1.31 3.75 2.43
C TYR C 32 -1.03 4.83 3.48
N TYR C 33 -0.24 5.82 3.08
CA TYR C 33 -0.02 6.98 3.93
C TYR C 33 -1.35 7.67 4.22
N MET C 34 -1.47 8.20 5.43
CA MET C 34 -2.64 8.95 5.85
C MET C 34 -2.21 10.38 6.14
N HIS C 35 -2.96 11.33 5.61
CA HIS C 35 -2.66 12.75 5.75
C HIS C 35 -3.76 13.41 6.55
N TRP C 36 -3.43 14.58 7.13
CA TRP C 36 -4.40 15.42 7.81
C TRP C 36 -4.36 16.82 7.20
N VAL C 37 -5.53 17.35 6.86
CA VAL C 37 -5.65 18.69 6.28
C VAL C 37 -6.80 19.39 6.99
N ARG C 38 -6.55 20.59 7.47
CA ARG C 38 -7.56 21.36 8.20
C ARG C 38 -8.05 22.54 7.36
N GLN C 39 -9.17 23.10 7.79
CA GLN C 39 -9.79 24.21 7.07
C GLN C 39 -10.52 25.11 8.07
N ALA C 40 -9.94 26.26 8.33
CA ALA C 40 -10.62 27.24 9.16
C ALA C 40 -11.88 27.73 8.44
N PRO C 41 -12.96 28.02 9.16
CA PRO C 41 -14.25 28.27 8.48
C PRO C 41 -14.13 29.43 7.50
N GLY C 42 -14.56 29.16 6.26
CA GLY C 42 -14.50 30.12 5.19
C GLY C 42 -13.19 30.20 4.46
N GLN C 43 -12.12 29.61 5.00
CA GLN C 43 -10.80 29.77 4.41
C GLN C 43 -10.46 28.56 3.52
N GLY C 44 -9.19 28.39 3.19
CA GLY C 44 -8.74 27.34 2.32
C GLY C 44 -8.20 26.14 3.08
N LEU C 45 -7.49 25.30 2.35
CA LEU C 45 -6.98 24.05 2.88
C LEU C 45 -5.55 24.25 3.37
N GLU C 46 -5.22 23.65 4.51
CA GLU C 46 -3.89 23.74 5.09
C GLU C 46 -3.44 22.35 5.49
N TRP C 47 -2.31 21.92 4.95
CA TRP C 47 -1.78 20.58 5.23
C TRP C 47 -0.98 20.59 6.52
N MET C 48 -1.23 19.59 7.36
CA MET C 48 -0.59 19.46 8.66
C MET C 48 0.52 18.43 8.69
N GLY C 49 0.33 17.27 8.06
CA GLY C 49 1.34 16.23 8.07
C GLY C 49 0.77 14.91 7.59
N TRP C 50 1.63 13.90 7.60
CA TRP C 50 1.21 12.54 7.29
C TRP C 50 1.86 11.54 8.24
N ILE C 51 1.30 10.34 8.26
CA ILE C 51 1.87 9.23 9.01
C ILE C 51 1.91 8.00 8.10
N ASN C 52 2.99 7.23 8.21
CA ASN C 52 3.10 5.91 7.58
C ASN C 52 2.52 4.89 8.56
N PRO C 53 1.32 4.38 8.33
CA PRO C 53 0.73 3.44 9.29
C PRO C 53 1.50 2.13 9.43
N ASN C 54 2.31 1.77 8.43
CA ASN C 54 3.12 0.55 8.48
C ASN C 54 4.32 0.75 9.40
N SER C 55 5.25 1.64 9.00
CA SER C 55 6.45 1.88 9.79
C SER C 55 6.18 2.77 10.99
N GLY C 56 5.10 3.52 10.99
CA GLY C 56 4.82 4.48 12.04
C GLY C 56 5.54 5.80 11.89
N GLY C 57 6.30 5.98 10.82
CA GLY C 57 6.94 7.26 10.59
C GLY C 57 5.93 8.36 10.31
N THR C 58 6.36 9.60 10.57
CA THR C 58 5.52 10.76 10.41
C THR C 58 6.34 11.89 9.81
N ASN C 59 5.64 12.91 9.31
CA ASN C 59 6.25 14.09 8.72
C ASN C 59 5.25 15.23 8.89
N TYR C 60 5.66 16.29 9.57
CA TYR C 60 4.75 17.37 9.92
C TYR C 60 5.17 18.67 9.26
N ALA C 61 4.18 19.47 8.89
CA ALA C 61 4.44 20.85 8.49
C ALA C 61 5.19 21.55 9.60
N GLN C 62 6.20 22.34 9.22
CA GLN C 62 7.01 23.01 10.24
C GLN C 62 6.19 24.00 11.04
N LYS C 63 5.05 24.44 10.50
CA LYS C 63 4.13 25.28 11.26
C LYS C 63 3.60 24.57 12.50
N PHE C 64 3.41 23.26 12.45
CA PHE C 64 2.83 22.49 13.54
C PHE C 64 3.84 21.64 14.29
N GLN C 65 5.13 21.74 13.96
CA GLN C 65 6.08 20.69 14.30
C GLN C 65 6.04 20.33 15.78
N GLY C 66 6.28 21.30 16.63
CA GLY C 66 6.38 20.97 18.05
C GLY C 66 5.07 20.89 18.81
N ARG C 67 3.96 20.78 18.07
CA ARG C 67 2.64 20.94 18.66
C ARG C 67 1.62 19.90 18.20
N VAL C 68 1.88 19.15 17.14
CA VAL C 68 0.97 18.12 16.67
C VAL C 68 1.63 16.76 16.85
N THR C 69 0.82 15.73 17.04
CA THR C 69 1.28 14.36 17.13
C THR C 69 0.31 13.48 16.35
N MET C 70 0.86 12.64 15.46
CA MET C 70 0.06 11.71 14.66
C MET C 70 0.43 10.27 15.01
N THR C 71 -0.58 9.43 15.22
CA THR C 71 -0.40 8.04 15.61
C THR C 71 -1.42 7.19 14.88
N ARG C 72 -1.34 5.88 15.10
CA ARG C 72 -2.27 4.95 14.49
C ARG C 72 -2.37 3.69 15.35
N ASP C 73 -3.52 3.04 15.30
CA ASP C 73 -3.76 1.76 15.95
C ASP C 73 -4.14 0.78 14.84
N THR C 74 -3.18 -0.04 14.42
CA THR C 74 -3.42 -0.91 13.28
C THR C 74 -4.41 -2.01 13.60
N SER C 75 -4.51 -2.41 14.87
CA SER C 75 -5.45 -3.46 15.23
C SER C 75 -6.91 -3.07 14.97
N ILE C 76 -7.21 -1.77 14.88
CA ILE C 76 -8.56 -1.30 14.60
C ILE C 76 -8.53 -0.30 13.45
N SER C 77 -7.43 -0.30 12.70
CA SER C 77 -7.29 0.50 11.49
C SER C 77 -7.72 1.95 11.69
N THR C 78 -7.27 2.55 12.79
CA THR C 78 -7.63 3.92 13.13
C THR C 78 -6.39 4.80 13.20
N ALA C 79 -6.46 5.97 12.57
CA ALA C 79 -5.44 7.00 12.67
C ALA C 79 -5.93 8.10 13.61
N TYR C 80 -4.98 8.76 14.28
CA TYR C 80 -5.31 9.82 15.22
C TYR C 80 -4.42 11.03 14.98
N MET C 81 -4.96 12.20 15.27
CA MET C 81 -4.23 13.47 15.16
C MET C 81 -4.50 14.26 16.42
N GLU C 82 -3.46 14.59 17.16
CA GLU C 82 -3.58 15.33 18.41
C GLU C 82 -2.88 16.66 18.27
N LEU C 83 -3.62 17.75 18.51
CA LEU C 83 -3.09 19.10 18.45
C LEU C 83 -3.15 19.68 19.85
N SER C 84 -2.02 20.16 20.34
CA SER C 84 -1.90 20.68 21.70
C SER C 84 -1.82 22.20 21.69
N ARG C 85 -1.94 22.78 22.88
CA ARG C 85 -1.86 24.21 23.10
C ARG C 85 -2.74 24.98 22.12
N LEU C 86 -4.02 24.62 22.14
CA LEU C 86 -4.98 25.16 21.18
C LEU C 86 -5.21 26.65 21.41
N ARG C 87 -5.29 27.40 20.32
CA ARG C 87 -5.62 28.81 20.33
C ARG C 87 -6.78 29.05 19.37
N SER C 88 -7.33 30.26 19.41
CA SER C 88 -8.55 30.55 18.67
C SER C 88 -8.39 30.29 17.18
N ASP C 89 -7.19 30.51 16.63
CA ASP C 89 -7.00 30.32 15.20
C ASP C 89 -6.90 28.84 14.84
N ASP C 90 -6.91 27.94 15.83
CA ASP C 90 -6.99 26.51 15.55
C ASP C 90 -8.41 26.03 15.29
N THR C 91 -9.41 26.87 15.49
CA THR C 91 -10.78 26.47 15.19
C THR C 91 -10.90 26.16 13.70
N ALA C 92 -11.28 24.93 13.38
CA ALA C 92 -11.29 24.52 11.98
C ALA C 92 -11.91 23.13 11.86
N VAL C 93 -12.22 22.77 10.62
CA VAL C 93 -12.58 21.41 10.28
C VAL C 93 -11.31 20.65 9.94
N TYR C 94 -11.11 19.52 10.60
CA TYR C 94 -9.89 18.72 10.45
C TYR C 94 -10.24 17.47 9.67
N TYR C 95 -9.57 17.26 8.54
CA TYR C 95 -9.90 16.18 7.63
C TYR C 95 -8.87 15.08 7.67
N CYS C 96 -9.36 13.85 7.59
CA CYS C 96 -8.56 12.66 7.30
C CYS C 96 -8.50 12.49 5.79
N ALA C 97 -7.36 12.01 5.28
CA ALA C 97 -7.26 11.76 3.84
C ALA C 97 -6.15 10.78 3.55
N ARG C 98 -6.46 9.77 2.75
CA ARG C 98 -5.49 8.75 2.36
C ARG C 98 -4.81 9.13 1.06
N ASP C 99 -3.51 8.86 0.98
CA ASP C 99 -2.77 9.02 -0.26
C ASP C 99 -2.82 7.70 -1.02
N GLY C 100 -3.62 7.63 -2.08
CA GLY C 100 -3.77 6.44 -2.87
C GLY C 100 -2.73 6.22 -3.93
N SER C 101 -1.74 7.11 -4.00
CA SER C 101 -0.68 7.04 -5.00
C SER C 101 0.49 6.25 -4.44
N GLY C 102 1.09 5.44 -5.30
CA GLY C 102 2.29 4.69 -4.98
C GLY C 102 3.56 5.32 -5.51
N ASP C 103 3.50 6.52 -6.06
CA ASP C 103 4.70 7.22 -6.49
C ASP C 103 5.38 7.85 -5.28
N ASP C 104 6.69 8.05 -5.38
CA ASP C 104 7.41 8.66 -4.26
C ASP C 104 7.18 10.17 -4.16
N THR C 105 6.50 10.78 -5.14
CA THR C 105 6.37 12.23 -5.17
C THR C 105 4.93 12.70 -5.38
N SER C 106 4.09 11.92 -6.03
CA SER C 106 2.70 12.29 -6.21
C SER C 106 1.94 12.07 -4.91
N TRP C 107 0.96 12.94 -4.66
CA TRP C 107 -0.03 12.74 -3.62
C TRP C 107 -1.41 12.74 -4.27
N HIS C 108 -2.12 11.63 -4.15
CA HIS C 108 -3.49 11.53 -4.66
C HIS C 108 -4.39 11.31 -3.45
N LEU C 109 -4.79 12.40 -2.81
CA LEU C 109 -5.58 12.30 -1.59
C LEU C 109 -7.01 11.88 -1.87
N HIS C 110 -7.27 10.57 -1.79
CA HIS C 110 -8.59 9.99 -2.03
CA HIS C 110 -8.56 9.97 -2.03
C HIS C 110 -8.65 8.64 -1.30
N PRO C 111 -9.67 8.43 -0.45
CA PRO C 111 -10.76 9.36 -0.11
C PRO C 111 -10.44 10.29 1.08
N TRP C 112 -11.35 11.20 1.36
CA TRP C 112 -11.25 12.13 2.47
C TRP C 112 -12.29 11.75 3.53
N GLY C 113 -11.90 11.84 4.80
CA GLY C 113 -12.88 11.73 5.87
C GLY C 113 -13.91 12.82 5.76
N GLN C 114 -14.98 12.69 6.56
CA GLN C 114 -16.06 13.68 6.45
C GLN C 114 -15.72 14.96 7.18
N GLY C 115 -14.77 14.93 8.09
CA GLY C 115 -14.36 16.13 8.77
C GLY C 115 -14.80 16.14 10.22
N THR C 116 -13.99 16.77 11.06
CA THR C 116 -14.29 16.97 12.47
C THR C 116 -14.13 18.44 12.76
N LEU C 117 -15.22 19.10 13.16
CA LEU C 117 -15.14 20.49 13.55
C LEU C 117 -14.66 20.56 15.01
N VAL C 118 -13.50 21.18 15.21
CA VAL C 118 -12.95 21.45 16.55
C VAL C 118 -13.09 22.94 16.83
N THR C 119 -13.88 23.29 17.84
CA THR C 119 -14.12 24.68 18.20
C THR C 119 -13.33 25.00 19.46
N VAL C 120 -12.44 26.00 19.36
CA VAL C 120 -11.59 26.42 20.48
C VAL C 120 -12.28 27.59 21.16
N SER C 121 -12.78 27.35 22.37
CA SER C 121 -13.50 28.39 23.07
C SER C 121 -13.62 28.03 24.55
N SER C 122 -13.77 29.07 25.37
CA SER C 122 -13.98 28.91 26.81
C SER C 122 -15.43 28.66 27.18
N ALA C 123 -16.36 28.72 26.23
CA ALA C 123 -17.77 28.53 26.51
C ALA C 123 -18.11 27.03 26.54
N SER C 124 -19.14 26.71 27.30
CA SER C 124 -19.53 25.33 27.54
C SER C 124 -20.55 24.84 26.49
N THR C 125 -20.68 23.52 26.42
CA THR C 125 -21.59 22.90 25.48
C THR C 125 -23.03 22.98 25.99
N LYS C 126 -23.95 23.28 25.07
CA LYS C 126 -25.36 23.42 25.40
C LYS C 126 -26.19 22.83 24.28
N GLY C 127 -27.10 21.94 24.64
CA GLY C 127 -27.98 21.33 23.66
C GLY C 127 -29.03 22.30 23.19
N PRO C 128 -29.64 21.98 22.05
CA PRO C 128 -30.65 22.89 21.48
C PRO C 128 -32.06 22.61 21.98
N SER C 129 -32.84 23.68 22.02
CA SER C 129 -34.28 23.60 22.21
C SER C 129 -34.92 23.63 20.83
N VAL C 130 -35.69 22.59 20.50
CA VAL C 130 -36.27 22.45 19.17
C VAL C 130 -37.75 22.80 19.23
N PHE C 131 -38.15 23.76 18.40
CA PHE C 131 -39.51 24.28 18.35
C PHE C 131 -40.11 24.02 16.97
N PRO C 132 -41.43 23.95 16.85
CA PRO C 132 -42.05 23.69 15.56
C PRO C 132 -42.38 24.97 14.81
N LEU C 133 -42.39 24.85 13.48
CA LEU C 133 -42.84 25.89 12.57
C LEU C 133 -44.06 25.35 11.84
N ALA C 134 -45.27 25.81 12.25
CA ALA C 134 -46.53 25.26 11.77
C ALA C 134 -47.03 26.02 10.55
N PRO C 135 -47.65 25.31 9.60
CA PRO C 135 -48.18 25.98 8.41
C PRO C 135 -49.12 27.15 8.76
N SER C 136 -49.18 28.12 7.84
CA SER C 136 -49.97 29.32 8.07
C SER C 136 -51.46 29.01 8.21
N SER C 137 -51.90 27.84 7.74
CA SER C 137 -53.32 27.46 7.79
C SER C 137 -54.09 28.16 6.69
N LYS C 138 -53.69 29.38 6.31
CA LYS C 138 -54.27 30.05 5.16
C LYS C 138 -53.97 29.24 3.90
N SER C 139 -52.72 29.32 3.44
CA SER C 139 -52.22 28.49 2.34
C SER C 139 -53.06 28.63 1.07
N THR C 140 -52.82 27.73 0.12
CA THR C 140 -53.57 27.64 -1.12
C THR C 140 -54.01 26.19 -1.25
N SER C 141 -55.34 25.96 -1.24
CA SER C 141 -55.86 24.59 -1.23
C SER C 141 -55.17 23.72 -2.27
N GLY C 142 -55.01 24.25 -3.48
CA GLY C 142 -54.31 23.53 -4.53
C GLY C 142 -52.92 24.06 -4.76
N GLY C 143 -52.08 23.98 -3.74
CA GLY C 143 -50.73 24.51 -3.79
C GLY C 143 -49.79 23.78 -2.85
N THR C 144 -48.82 24.51 -2.33
CA THR C 144 -47.78 23.96 -1.47
C THR C 144 -47.60 24.85 -0.25
N ALA C 145 -47.48 24.23 0.91
CA ALA C 145 -47.29 24.93 2.18
C ALA C 145 -45.94 24.55 2.79
N ALA C 146 -45.49 25.38 3.74
CA ALA C 146 -44.16 25.24 4.33
C ALA C 146 -44.26 25.00 5.83
N LEU C 147 -43.45 24.07 6.32
CA LEU C 147 -43.38 23.72 7.73
C LEU C 147 -41.93 23.40 8.07
N GLY C 148 -41.53 23.71 9.31
CA GLY C 148 -40.15 23.51 9.68
C GLY C 148 -39.93 23.37 11.16
N CYS C 149 -38.65 23.31 11.53
CA CYS C 149 -38.20 23.17 12.91
C CYS C 149 -37.18 24.24 13.22
N LEU C 150 -37.27 24.82 14.42
CA LEU C 150 -36.37 25.87 14.88
C LEU C 150 -35.42 25.25 15.89
N VAL C 151 -34.15 25.14 15.55
CA VAL C 151 -33.12 24.58 16.42
C VAL C 151 -32.38 25.75 17.06
N LYS C 152 -32.66 26.03 18.33
CA LYS C 152 -32.29 27.28 18.95
C LYS C 152 -31.44 27.07 20.21
N ASP C 153 -30.55 28.05 20.44
CA ASP C 153 -29.70 28.15 21.62
C ASP C 153 -28.90 26.88 21.89
N TYR C 154 -27.89 26.63 21.07
CA TYR C 154 -26.96 25.55 21.27
C TYR C 154 -25.56 26.05 21.03
N PHE C 155 -24.64 25.27 21.52
CA PHE C 155 -23.24 25.55 21.33
C PHE C 155 -22.47 24.28 21.63
N PRO C 156 -21.40 24.00 20.86
CA PRO C 156 -20.73 24.53 19.65
C PRO C 156 -21.51 23.99 18.47
N GLU C 157 -21.10 24.39 17.27
CA GLU C 157 -21.63 23.79 16.10
C GLU C 157 -21.07 22.38 15.97
N PRO C 158 -21.79 21.50 15.26
CA PRO C 158 -22.93 21.64 14.31
C PRO C 158 -24.17 20.89 14.86
N VAL C 159 -25.33 21.14 14.26
CA VAL C 159 -26.46 20.24 14.46
C VAL C 159 -26.76 19.64 13.09
N THR C 160 -27.36 18.47 13.11
CA THR C 160 -27.84 17.79 11.91
C THR C 160 -29.34 17.65 12.01
N VAL C 161 -30.04 17.96 10.93
CA VAL C 161 -31.49 17.88 10.89
C VAL C 161 -31.88 16.89 9.80
N SER C 162 -32.76 15.96 10.16
CA SER C 162 -33.39 15.04 9.22
C SER C 162 -34.89 15.28 9.28
N TRP C 163 -35.61 14.81 8.26
CA TRP C 163 -37.06 14.90 8.24
C TRP C 163 -37.62 13.52 7.95
N ASN C 164 -38.53 13.05 8.81
CA ASN C 164 -39.11 11.71 8.69
C ASN C 164 -38.00 10.69 8.50
N SER C 165 -36.97 10.80 9.33
CA SER C 165 -35.87 9.83 9.41
C SER C 165 -35.22 9.60 8.05
N GLY C 166 -35.06 10.68 7.29
CA GLY C 166 -34.43 10.61 5.99
C GLY C 166 -35.37 10.29 4.86
N ALA C 167 -36.64 9.98 5.14
CA ALA C 167 -37.58 9.69 4.07
C ALA C 167 -37.87 10.93 3.24
N LEU C 168 -37.85 12.11 3.85
CA LEU C 168 -38.23 13.36 3.18
C LEU C 168 -36.96 14.15 2.87
N THR C 169 -36.52 14.08 1.61
CA THR C 169 -35.33 14.78 1.15
C THR C 169 -35.64 15.96 0.22
N SER C 170 -36.71 15.87 -0.57
CA SER C 170 -36.99 16.92 -1.54
C SER C 170 -37.53 18.17 -0.85
N GLY C 171 -37.06 19.33 -1.30
CA GLY C 171 -37.55 20.59 -0.79
C GLY C 171 -37.05 20.96 0.58
N VAL C 172 -36.10 20.22 1.14
CA VAL C 172 -35.57 20.48 2.47
C VAL C 172 -34.49 21.54 2.38
N HIS C 173 -34.50 22.48 3.32
CA HIS C 173 -33.45 23.49 3.42
C HIS C 173 -33.08 23.66 4.88
N THR C 174 -31.92 23.15 5.26
CA THR C 174 -31.34 23.45 6.57
C THR C 174 -30.42 24.66 6.39
N PHE C 175 -30.80 25.78 6.97
CA PHE C 175 -30.05 27.01 6.79
C PHE C 175 -28.77 27.00 7.61
N PRO C 176 -27.75 27.76 7.19
CA PRO C 176 -26.57 27.92 8.04
C PRO C 176 -26.96 28.57 9.36
N ALA C 177 -26.29 28.15 10.42
CA ALA C 177 -26.55 28.69 11.74
C ALA C 177 -26.20 30.16 11.80
N VAL C 178 -26.76 30.85 12.79
CA VAL C 178 -26.48 32.26 13.04
C VAL C 178 -26.07 32.41 14.49
N LEU C 179 -25.00 33.15 14.73
CA LEU C 179 -24.48 33.34 16.08
C LEU C 179 -25.18 34.53 16.72
N GLN C 180 -25.83 34.28 17.84
CA GLN C 180 -26.52 35.32 18.57
C GLN C 180 -25.58 36.01 19.54
N SER C 181 -26.01 37.19 20.00
CA SER C 181 -25.16 37.96 20.90
C SER C 181 -24.75 37.14 22.11
N SER C 182 -25.61 36.20 22.51
CA SER C 182 -25.39 35.39 23.70
C SER C 182 -24.29 34.35 23.53
N GLY C 183 -23.73 34.23 22.32
CA GLY C 183 -22.74 33.21 22.03
C GLY C 183 -23.30 31.88 21.59
N LEU C 184 -24.62 31.74 21.55
CA LEU C 184 -25.27 30.49 21.14
C LEU C 184 -25.71 30.59 19.69
N TYR C 185 -25.77 29.44 19.03
CA TYR C 185 -26.14 29.38 17.63
C TYR C 185 -27.63 29.10 17.47
N SER C 186 -28.13 29.34 16.27
CA SER C 186 -29.53 29.09 15.97
C SER C 186 -29.68 28.93 14.47
N LEU C 187 -30.55 28.01 14.06
CA LEU C 187 -30.81 27.82 12.64
C LEU C 187 -32.27 27.43 12.46
N SER C 188 -32.62 27.06 11.23
CA SER C 188 -33.98 26.66 10.89
C SER C 188 -33.90 25.61 9.79
N SER C 189 -34.66 24.54 9.93
CA SER C 189 -34.81 23.53 8.90
C SER C 189 -36.27 23.55 8.46
N VAL C 190 -36.50 23.84 7.18
CA VAL C 190 -37.85 23.94 6.64
C VAL C 190 -37.98 22.96 5.48
N VAL C 191 -39.22 22.80 5.02
CA VAL C 191 -39.51 21.92 3.90
C VAL C 191 -40.85 22.35 3.31
N THR C 192 -40.92 22.40 1.99
CA THR C 192 -42.15 22.71 1.28
C THR C 192 -42.87 21.41 0.94
N VAL C 193 -44.19 21.42 1.13
CA VAL C 193 -45.00 20.23 0.90
C VAL C 193 -46.32 20.64 0.27
N PRO C 194 -47.03 19.69 -0.35
CA PRO C 194 -48.35 19.99 -0.91
C PRO C 194 -49.40 20.17 0.19
N SER C 195 -50.29 21.15 -0.03
CA SER C 195 -51.31 21.46 0.98
C SER C 195 -52.21 20.27 1.28
N SER C 196 -52.27 19.27 0.39
CA SER C 196 -53.12 18.12 0.64
C SER C 196 -52.55 17.24 1.74
N SER C 197 -51.22 17.07 1.76
CA SER C 197 -50.59 16.18 2.74
C SER C 197 -50.59 16.77 4.15
N LEU C 198 -50.99 18.03 4.31
CA LEU C 198 -50.95 18.64 5.63
C LEU C 198 -51.87 17.92 6.62
N GLY C 199 -53.09 17.58 6.19
CA GLY C 199 -54.03 16.92 7.06
C GLY C 199 -53.83 15.42 7.17
N THR C 200 -53.18 14.80 6.18
CA THR C 200 -53.02 13.36 6.13
C THR C 200 -51.66 12.92 6.66
N GLN C 201 -50.59 13.40 6.03
CA GLN C 201 -49.25 12.97 6.37
C GLN C 201 -48.70 13.74 7.57
N THR C 202 -47.94 13.04 8.40
CA THR C 202 -47.28 13.62 9.57
C THR C 202 -45.80 13.81 9.27
N TYR C 203 -45.27 14.98 9.65
CA TYR C 203 -43.88 15.34 9.40
C TYR C 203 -43.17 15.58 10.72
N ILE C 204 -42.10 14.82 10.96
CA ILE C 204 -41.31 14.93 12.19
C ILE C 204 -39.86 15.18 11.80
N CYS C 205 -39.29 16.26 12.33
CA CYS C 205 -37.89 16.58 12.11
C CYS C 205 -37.04 15.91 13.18
N ASN C 206 -35.79 15.60 12.82
CA ASN C 206 -34.90 14.76 13.62
C ASN C 206 -33.61 15.52 13.89
N VAL C 207 -33.61 16.34 14.93
CA VAL C 207 -32.46 17.16 15.27
C VAL C 207 -31.51 16.34 16.11
N ASN C 208 -30.21 16.54 15.88
CA ASN C 208 -29.17 15.83 16.60
C ASN C 208 -27.98 16.77 16.78
N HIS C 209 -27.62 17.05 18.04
CA HIS C 209 -26.49 17.89 18.40
C HIS C 209 -25.53 17.01 19.20
N LYS C 210 -24.61 16.34 18.50
CA LYS C 210 -23.76 15.35 19.16
C LYS C 210 -22.88 15.95 20.25
N PRO C 211 -22.34 17.17 20.14
CA PRO C 211 -21.49 17.69 21.23
C PRO C 211 -22.16 17.66 22.61
N SER C 212 -23.49 17.74 22.66
CA SER C 212 -24.22 17.60 23.92
C SER C 212 -25.01 16.30 23.98
N ASN C 213 -24.91 15.46 22.94
CA ASN C 213 -25.66 14.20 22.87
C ASN C 213 -27.17 14.44 22.99
N THR C 214 -27.65 15.48 22.31
CA THR C 214 -29.07 15.80 22.31
C THR C 214 -29.71 15.29 21.02
N LYS C 215 -30.91 14.75 21.14
CA LYS C 215 -31.65 14.23 20.00
C LYS C 215 -33.13 14.50 20.28
N VAL C 216 -33.78 15.24 19.38
CA VAL C 216 -35.18 15.59 19.52
C VAL C 216 -35.90 15.23 18.23
N ASP C 217 -36.84 14.30 18.30
CA ASP C 217 -37.69 13.93 17.16
C ASP C 217 -38.99 14.69 17.34
N LYS C 218 -39.02 15.94 16.86
CA LYS C 218 -40.15 16.84 17.04
C LYS C 218 -41.16 16.64 15.91
N ARG C 219 -42.43 16.59 16.29
CA ARG C 219 -43.53 16.45 15.34
C ARG C 219 -44.11 17.82 15.06
N VAL C 220 -44.30 18.12 13.78
CA VAL C 220 -44.84 19.41 13.34
C VAL C 220 -46.26 19.18 12.82
N GLU C 221 -47.21 19.94 13.37
CA GLU C 221 -48.62 19.83 13.01
C GLU C 221 -49.31 21.13 13.38
N PRO C 222 -50.30 21.59 12.60
CA PRO C 222 -50.99 22.85 12.94
C PRO C 222 -52.03 22.68 14.04
N ASP D 1 6.98 27.17 0.58
CA ASP D 1 8.03 26.88 -0.44
C ASP D 1 7.52 27.13 -1.85
N ILE D 2 6.32 26.63 -2.15
CA ILE D 2 5.72 26.74 -3.48
C ILE D 2 4.41 27.52 -3.36
N GLN D 3 4.30 28.62 -4.09
CA GLN D 3 3.13 29.48 -4.06
C GLN D 3 2.19 29.10 -5.19
N MET D 4 0.92 28.88 -4.86
CA MET D 4 -0.10 28.52 -5.84
C MET D 4 -1.08 29.68 -6.00
N THR D 5 -1.41 29.98 -7.25
CA THR D 5 -2.38 31.02 -7.57
C THR D 5 -3.40 30.44 -8.53
N GLN D 6 -4.63 30.98 -8.46
CA GLN D 6 -5.73 30.48 -9.28
C GLN D 6 -6.52 31.65 -9.84
N SER D 7 -7.10 31.45 -11.02
CA SER D 7 -7.86 32.49 -11.67
C SER D 7 -8.91 31.87 -12.57
N PRO D 8 -10.11 32.46 -12.64
CA PRO D 8 -10.55 33.59 -11.81
C PRO D 8 -10.75 33.20 -10.35
N SER D 9 -10.85 34.18 -9.45
CA SER D 9 -11.21 33.88 -8.07
C SER D 9 -12.64 33.35 -8.01
N SER D 10 -13.56 34.01 -8.71
CA SER D 10 -14.95 33.60 -8.76
C SER D 10 -15.43 33.67 -10.21
N LEU D 11 -16.49 32.95 -10.51
CA LEU D 11 -17.10 33.08 -11.83
C LEU D 11 -18.52 32.58 -11.79
N SER D 12 -19.35 33.11 -12.69
CA SER D 12 -20.74 32.70 -12.84
C SER D 12 -20.95 32.31 -14.29
N ALA D 13 -21.41 31.09 -14.51
CA ALA D 13 -21.62 30.59 -15.87
C ALA D 13 -23.00 29.94 -15.94
N SER D 14 -23.39 29.58 -17.15
CA SER D 14 -24.71 29.01 -17.40
C SER D 14 -24.61 27.51 -17.55
N VAL D 15 -25.71 26.82 -17.25
CA VAL D 15 -25.78 25.38 -17.46
C VAL D 15 -25.43 25.07 -18.90
N GLY D 16 -24.45 24.21 -19.10
CA GLY D 16 -24.03 23.82 -20.42
C GLY D 16 -22.77 24.47 -20.90
N ASP D 17 -22.34 25.56 -20.26
CA ASP D 17 -21.15 26.29 -20.71
C ASP D 17 -19.89 25.46 -20.53
N ARG D 18 -18.89 25.77 -21.34
CA ARG D 18 -17.55 25.19 -21.19
C ARG D 18 -16.74 26.13 -20.32
N VAL D 19 -16.49 25.73 -19.08
CA VAL D 19 -15.83 26.57 -18.09
C VAL D 19 -14.40 26.08 -17.91
N THR D 20 -13.42 26.98 -18.04
CA THR D 20 -12.04 26.64 -17.75
C THR D 20 -11.45 27.62 -16.74
N ILE D 21 -10.78 27.08 -15.73
CA ILE D 21 -10.09 27.84 -14.70
C ILE D 21 -8.62 27.49 -14.77
N THR D 22 -7.79 28.32 -14.15
CA THR D 22 -6.33 28.20 -14.29
C THR D 22 -5.66 28.15 -12.93
N CYS D 23 -4.45 27.61 -12.92
CA CYS D 23 -3.63 27.50 -11.73
C CYS D 23 -2.19 27.73 -12.17
N GLN D 24 -1.45 28.50 -11.38
CA GLN D 24 -0.05 28.78 -11.67
C GLN D 24 0.78 28.42 -10.45
N ALA D 25 1.97 27.88 -10.69
CA ALA D 25 2.88 27.45 -9.64
C ALA D 25 4.13 28.31 -9.64
N SER D 26 4.60 28.64 -8.44
CA SER D 26 5.77 29.48 -8.27
C SER D 26 6.98 28.93 -9.01
N GLN D 27 7.03 27.63 -9.25
CA GLN D 27 8.18 26.99 -9.86
C GLN D 27 7.70 25.83 -10.73
N ASP D 28 8.64 25.26 -11.48
CA ASP D 28 8.29 24.17 -12.38
C ASP D 28 7.98 22.91 -11.58
N ILE D 29 6.79 22.34 -11.78
CA ILE D 29 6.40 21.13 -11.08
C ILE D 29 5.97 20.08 -12.10
N SER D 30 6.51 20.14 -13.32
CA SER D 30 6.19 19.18 -14.39
C SER D 30 4.67 19.07 -14.48
N ASN D 31 4.10 17.86 -14.44
CA ASN D 31 2.67 17.64 -14.51
C ASN D 31 2.12 17.07 -13.21
N TYR D 32 2.68 17.49 -12.08
CA TYR D 32 2.31 16.97 -10.78
C TYR D 32 1.12 17.69 -10.15
N LEU D 33 0.35 18.47 -10.90
CA LEU D 33 -0.74 19.23 -10.31
C LEU D 33 -1.99 18.37 -10.22
N ASN D 34 -2.66 18.43 -9.07
CA ASN D 34 -3.95 17.80 -8.88
C ASN D 34 -5.02 18.85 -8.64
N TRP D 35 -6.26 18.51 -8.97
CA TRP D 35 -7.40 19.37 -8.74
C TRP D 35 -8.43 18.66 -7.86
N TYR D 36 -8.87 19.33 -6.80
CA TYR D 36 -9.89 18.83 -5.90
C TYR D 36 -11.13 19.71 -5.99
N GLN D 37 -12.31 19.10 -5.91
CA GLN D 37 -13.57 19.81 -5.88
C GLN D 37 -14.13 19.75 -4.47
N GLN D 38 -14.68 20.88 -3.99
CA GLN D 38 -15.28 20.92 -2.66
C GLN D 38 -16.61 21.64 -2.70
N LYS D 39 -17.71 20.86 -2.52
CA LYS D 39 -19.05 21.40 -2.45
C LYS D 39 -19.34 21.91 -1.03
N PRO D 40 -20.12 22.98 -0.90
CA PRO D 40 -20.36 23.53 0.43
C PRO D 40 -20.82 22.47 1.42
N GLY D 41 -20.15 22.39 2.56
CA GLY D 41 -20.49 21.46 3.61
C GLY D 41 -19.85 20.10 3.52
N LYS D 42 -19.25 19.74 2.38
CA LYS D 42 -18.67 18.42 2.18
C LYS D 42 -17.15 18.52 2.16
N ALA D 43 -16.51 17.36 2.10
CA ALA D 43 -15.07 17.28 2.01
C ALA D 43 -14.61 17.40 0.55
N PRO D 44 -13.36 17.80 0.32
CA PRO D 44 -12.87 17.85 -1.06
C PRO D 44 -12.89 16.47 -1.70
N LYS D 45 -13.04 16.44 -3.03
CA LYS D 45 -13.00 15.23 -3.82
C LYS D 45 -11.91 15.36 -4.90
N LEU D 46 -11.05 14.37 -5.01
CA LEU D 46 -10.08 14.36 -6.10
C LEU D 46 -10.79 14.14 -7.42
N LEU D 47 -10.55 15.02 -8.38
CA LEU D 47 -11.13 14.90 -9.72
C LEU D 47 -10.09 14.69 -10.79
N ILE D 48 -8.94 15.32 -10.69
CA ILE D 48 -7.89 15.22 -11.69
C ILE D 48 -6.57 15.11 -10.95
N TYR D 49 -5.72 14.17 -11.39
CA TYR D 49 -4.39 13.97 -10.82
C TYR D 49 -3.38 13.91 -11.95
N ASP D 50 -2.14 14.25 -11.61
CA ASP D 50 -1.08 14.34 -12.62
C ASP D 50 -1.54 15.16 -13.82
N ALA D 51 -2.13 16.32 -13.52
CA ALA D 51 -2.50 17.34 -14.49
C ALA D 51 -3.62 16.96 -15.43
N SER D 52 -3.62 15.73 -15.93
CA SER D 52 -4.59 15.36 -16.96
C SER D 52 -5.34 14.07 -16.72
N ASN D 53 -4.99 13.28 -15.69
CA ASN D 53 -5.61 11.98 -15.48
C ASN D 53 -6.90 12.12 -14.67
N LEU D 54 -8.00 11.63 -15.24
CA LEU D 54 -9.29 11.70 -14.56
C LEU D 54 -9.42 10.58 -13.54
N GLU D 55 -9.72 10.97 -12.31
CA GLU D 55 -9.91 10.00 -11.25
C GLU D 55 -11.07 9.06 -11.57
N THR D 56 -10.88 7.79 -11.28
CA THR D 56 -11.92 6.80 -11.53
C THR D 56 -13.20 7.19 -10.79
N GLY D 57 -14.33 7.07 -11.46
CA GLY D 57 -15.60 7.39 -10.87
C GLY D 57 -16.06 8.81 -11.07
N VAL D 58 -15.24 9.65 -11.66
CA VAL D 58 -15.58 11.06 -11.90
C VAL D 58 -16.13 11.22 -13.32
N PRO D 59 -17.19 12.00 -13.51
CA PRO D 59 -17.74 12.18 -14.86
C PRO D 59 -16.68 12.65 -15.86
N SER D 60 -16.96 12.43 -17.14
CA SER D 60 -15.99 12.69 -18.18
C SER D 60 -15.96 14.15 -18.64
N ARG D 61 -16.91 14.97 -18.17
CA ARG D 61 -16.87 16.38 -18.51
C ARG D 61 -15.73 17.14 -17.84
N PHE D 62 -15.13 16.57 -16.80
CA PHE D 62 -14.00 17.18 -16.11
C PHE D 62 -12.70 16.73 -16.77
N SER D 63 -11.82 17.69 -17.04
CA SER D 63 -10.55 17.42 -17.70
C SER D 63 -9.50 18.35 -17.12
N GLY D 64 -8.26 18.19 -17.60
CA GLY D 64 -7.17 19.02 -17.14
C GLY D 64 -5.96 18.90 -18.05
N SER D 65 -5.14 19.95 -18.11
CA SER D 65 -3.97 19.91 -18.97
C SER D 65 -2.98 20.93 -18.43
N GLY D 66 -1.76 20.87 -18.98
CA GLY D 66 -0.69 21.74 -18.55
C GLY D 66 0.51 20.98 -18.05
N SER D 67 1.69 21.60 -18.14
CA SER D 67 2.91 21.04 -17.60
C SER D 67 3.89 22.18 -17.40
N GLY D 68 4.65 22.12 -16.32
CA GLY D 68 5.56 23.19 -15.97
C GLY D 68 5.04 24.05 -14.84
N THR D 69 4.44 25.19 -15.21
CA THR D 69 3.96 26.12 -14.19
C THR D 69 2.50 26.51 -14.36
N ASP D 70 1.99 26.48 -15.58
CA ASP D 70 0.65 26.95 -15.89
C ASP D 70 -0.26 25.79 -16.24
N PHE D 71 -1.43 25.72 -15.60
CA PHE D 71 -2.34 24.62 -15.82
C PHE D 71 -3.77 25.12 -15.92
N THR D 72 -4.64 24.27 -16.49
CA THR D 72 -6.06 24.57 -16.61
C THR D 72 -6.90 23.35 -16.21
N PHE D 73 -8.10 23.64 -15.74
CA PHE D 73 -9.11 22.65 -15.37
C PHE D 73 -10.39 23.03 -16.10
N THR D 74 -11.08 22.05 -16.68
CA THR D 74 -12.19 22.36 -17.57
C THR D 74 -13.42 21.53 -17.30
N ILE D 75 -14.58 22.18 -17.35
CA ILE D 75 -15.88 21.55 -17.25
C ILE D 75 -16.53 21.73 -18.62
N SER D 76 -16.53 20.66 -19.43
CA SER D 76 -16.97 20.80 -20.82
C SER D 76 -18.43 21.21 -20.90
N SER D 77 -19.26 20.79 -19.95
CA SER D 77 -20.68 21.17 -19.94
C SER D 77 -21.10 21.35 -18.48
N LEU D 78 -21.10 22.60 -18.01
CA LEU D 78 -21.45 22.87 -16.64
C LEU D 78 -22.81 22.28 -16.30
N GLN D 79 -22.85 21.50 -15.23
CA GLN D 79 -24.07 20.91 -14.71
C GLN D 79 -24.51 21.62 -13.43
N PRO D 80 -25.81 21.58 -13.13
CA PRO D 80 -26.27 22.32 -11.94
C PRO D 80 -25.56 21.90 -10.66
N GLU D 81 -25.12 20.66 -10.58
CA GLU D 81 -24.47 20.15 -9.38
C GLU D 81 -22.98 20.44 -9.36
N ASP D 82 -22.46 21.09 -10.40
CA ASP D 82 -21.04 21.40 -10.46
C ASP D 82 -20.67 22.68 -9.71
N ILE D 83 -21.63 23.29 -9.03
CA ILE D 83 -21.33 24.42 -8.16
C ILE D 83 -20.44 23.94 -7.02
N ALA D 84 -19.34 24.64 -6.81
CA ALA D 84 -18.35 24.22 -5.83
C ALA D 84 -17.16 25.16 -5.85
N THR D 85 -16.21 24.95 -4.95
CA THR D 85 -14.90 25.59 -5.04
C THR D 85 -13.90 24.55 -5.51
N TYR D 86 -13.07 24.93 -6.47
CA TYR D 86 -12.09 24.02 -7.07
C TYR D 86 -10.68 24.46 -6.68
N TYR D 87 -9.95 23.57 -6.01
CA TYR D 87 -8.60 23.84 -5.53
C TYR D 87 -7.59 23.05 -6.36
N CYS D 88 -6.55 23.73 -6.82
CA CYS D 88 -5.40 23.00 -7.32
C CYS D 88 -4.45 22.68 -6.18
N ALA D 89 -3.60 21.69 -6.40
CA ALA D 89 -2.62 21.37 -5.36
C ALA D 89 -1.48 20.54 -5.92
N VAL D 90 -0.32 20.71 -5.31
CA VAL D 90 0.85 19.89 -5.57
C VAL D 90 1.46 19.60 -4.21
N LEU D 91 1.66 18.32 -3.91
CA LEU D 91 2.20 17.94 -2.61
C LEU D 91 1.40 18.63 -1.50
N GLU D 92 2.07 19.39 -0.65
CA GLU D 92 1.46 19.99 0.51
C GLU D 92 0.84 21.35 0.24
N PHE D 93 0.99 21.90 -0.95
CA PHE D 93 0.61 23.28 -1.23
C PHE D 93 -0.71 23.33 -2.02
N PHE D 94 -1.67 24.09 -1.48
CA PHE D 94 -2.99 24.22 -2.05
C PHE D 94 -3.16 25.61 -2.65
N GLY D 95 -3.82 25.69 -3.79
CA GLY D 95 -4.20 26.95 -4.38
C GLY D 95 -5.34 27.62 -3.64
N PRO D 96 -5.52 28.91 -3.86
CA PRO D 96 -6.52 29.66 -3.07
C PRO D 96 -7.95 29.28 -3.37
N GLY D 97 -8.21 28.57 -4.47
CA GLY D 97 -9.56 28.17 -4.81
C GLY D 97 -10.26 29.07 -5.81
N THR D 98 -11.04 28.47 -6.70
CA THR D 98 -11.93 29.19 -7.60
C THR D 98 -13.35 28.75 -7.31
N LYS D 99 -14.23 29.72 -7.04
CA LYS D 99 -15.65 29.44 -6.79
C LYS D 99 -16.44 29.58 -8.09
N VAL D 100 -17.22 28.55 -8.40
CA VAL D 100 -18.05 28.56 -9.60
C VAL D 100 -19.50 28.67 -9.15
N ASP D 101 -20.18 29.73 -9.60
CA ASP D 101 -21.61 29.92 -9.45
C ASP D 101 -22.29 29.71 -10.79
N ILE D 102 -23.60 29.58 -10.76
CA ILE D 102 -24.42 29.43 -11.96
C ILE D 102 -25.32 30.64 -12.09
N LYS D 103 -25.32 31.24 -13.30
CA LYS D 103 -26.31 32.26 -13.66
C LYS D 103 -27.55 31.58 -14.23
N ARG D 104 -28.71 32.08 -13.81
CA ARG D 104 -29.98 31.38 -14.01
C ARG D 104 -31.04 32.42 -14.37
N THR D 105 -32.18 31.93 -14.85
CA THR D 105 -33.32 32.80 -15.03
C THR D 105 -33.84 33.28 -13.68
N VAL D 106 -34.50 34.45 -13.69
CA VAL D 106 -35.05 34.98 -12.45
C VAL D 106 -36.13 34.05 -11.93
N ALA D 107 -36.19 33.90 -10.61
CA ALA D 107 -37.19 33.07 -9.95
C ALA D 107 -37.67 33.84 -8.72
N ALA D 108 -38.97 34.00 -8.58
CA ALA D 108 -39.52 34.76 -7.47
C ALA D 108 -39.57 33.91 -6.21
N PRO D 109 -39.41 34.52 -5.03
CA PRO D 109 -39.42 33.75 -3.80
C PRO D 109 -40.82 33.34 -3.38
N SER D 110 -40.93 32.11 -2.87
CA SER D 110 -42.13 31.64 -2.18
C SER D 110 -42.01 32.09 -0.73
N VAL D 111 -42.72 33.15 -0.36
CA VAL D 111 -42.60 33.70 0.99
C VAL D 111 -43.56 32.99 1.94
N PHE D 112 -43.07 32.71 3.14
CA PHE D 112 -43.88 32.10 4.19
C PHE D 112 -43.54 32.75 5.53
N ILE D 113 -44.50 32.78 6.43
CA ILE D 113 -44.30 33.33 7.76
C ILE D 113 -44.78 32.32 8.79
N PHE D 114 -44.10 32.31 9.94
CA PHE D 114 -44.43 31.41 11.02
C PHE D 114 -44.49 32.22 12.32
N PRO D 115 -45.58 32.14 13.07
CA PRO D 115 -45.61 32.81 14.37
C PRO D 115 -44.82 32.03 15.39
N PRO D 116 -44.49 32.63 16.54
CA PRO D 116 -43.81 31.87 17.60
C PRO D 116 -44.62 30.66 18.02
N SER D 117 -43.92 29.62 18.48
CA SER D 117 -44.56 28.46 19.05
C SER D 117 -44.99 28.74 20.49
N ASP D 118 -45.98 27.97 20.95
CA ASP D 118 -46.42 28.12 22.33
C ASP D 118 -45.35 27.64 23.31
N GLU D 119 -44.61 26.59 22.94
CA GLU D 119 -43.53 26.11 23.81
C GLU D 119 -42.49 27.19 24.05
N GLN D 120 -42.10 27.91 22.99
CA GLN D 120 -41.07 28.92 23.13
C GLN D 120 -41.53 30.10 23.98
N LEU D 121 -42.84 30.38 23.99
CA LEU D 121 -43.33 31.48 24.82
C LEU D 121 -43.16 31.19 26.30
N LYS D 122 -43.19 29.92 26.70
CA LYS D 122 -42.92 29.58 28.10
C LYS D 122 -41.53 30.05 28.52
N SER D 123 -40.60 30.15 27.58
CA SER D 123 -39.23 30.52 27.89
C SER D 123 -39.04 32.03 28.03
N GLY D 124 -39.95 32.82 27.49
CA GLY D 124 -39.83 34.26 27.56
C GLY D 124 -39.30 34.92 26.31
N THR D 125 -39.08 34.16 25.23
CA THR D 125 -38.62 34.69 23.96
C THR D 125 -39.66 34.39 22.88
N ALA D 126 -39.74 35.28 21.90
CA ALA D 126 -40.66 35.13 20.77
C ALA D 126 -39.86 35.24 19.48
N SER D 127 -39.76 34.11 18.77
CA SER D 127 -39.04 34.05 17.50
C SER D 127 -40.07 33.94 16.37
N VAL D 128 -40.16 34.99 15.55
CA VAL D 128 -40.98 35.00 14.36
C VAL D 128 -40.07 34.72 13.15
N VAL D 129 -40.40 33.67 12.38
CA VAL D 129 -39.60 33.26 11.25
C VAL D 129 -40.31 33.67 9.95
N CYS D 130 -39.52 34.04 8.95
CA CYS D 130 -40.03 34.33 7.62
C CYS D 130 -39.15 33.66 6.59
N LEU D 131 -39.76 32.89 5.68
CA LEU D 131 -39.03 32.05 4.74
C LEU D 131 -39.26 32.52 3.31
N LEU D 132 -38.16 32.77 2.60
CA LEU D 132 -38.17 33.01 1.17
C LEU D 132 -37.56 31.78 0.50
N ASN D 133 -38.36 31.08 -0.31
CA ASN D 133 -38.01 29.74 -0.78
C ASN D 133 -37.64 29.78 -2.26
N ASN D 134 -36.47 29.22 -2.57
CA ASN D 134 -35.99 29.01 -3.93
C ASN D 134 -36.23 30.19 -4.86
N PHE D 135 -35.41 31.23 -4.73
CA PHE D 135 -35.47 32.39 -5.60
C PHE D 135 -34.12 32.61 -6.27
N TYR D 136 -34.13 33.50 -7.27
CA TYR D 136 -32.94 33.92 -7.99
C TYR D 136 -33.25 35.24 -8.67
N PRO D 137 -32.31 36.20 -8.71
CA PRO D 137 -30.96 36.15 -8.13
C PRO D 137 -30.97 36.20 -6.60
N ARG D 138 -29.78 36.26 -6.01
CA ARG D 138 -29.66 36.11 -4.56
C ARG D 138 -30.15 37.32 -3.79
N GLU D 139 -30.00 38.52 -4.36
CA GLU D 139 -30.38 39.73 -3.64
C GLU D 139 -31.86 39.72 -3.29
N ALA D 140 -32.16 40.00 -2.03
CA ALA D 140 -33.53 40.11 -1.56
C ALA D 140 -33.55 41.00 -0.32
N LYS D 141 -34.67 41.67 -0.10
CA LYS D 141 -34.85 42.54 1.04
C LYS D 141 -36.01 42.03 1.89
N VAL D 142 -35.86 42.11 3.20
CA VAL D 142 -36.90 41.67 4.13
C VAL D 142 -37.07 42.76 5.18
N GLN D 143 -38.27 43.36 5.23
CA GLN D 143 -38.64 44.36 6.24
C GLN D 143 -39.74 43.77 7.10
N TRP D 144 -39.55 43.83 8.43
CA TRP D 144 -40.55 43.35 9.37
C TRP D 144 -41.44 44.48 9.82
N LYS D 145 -42.74 44.20 9.90
CA LYS D 145 -43.74 45.13 10.44
C LYS D 145 -44.33 44.51 11.70
N VAL D 146 -44.03 45.12 12.86
CA VAL D 146 -44.49 44.56 14.13
C VAL D 146 -45.97 44.85 14.37
N ASP D 147 -46.42 46.04 13.97
CA ASP D 147 -47.82 46.45 14.10
C ASP D 147 -48.00 47.62 13.14
N ASN D 148 -47.65 47.42 11.86
CA ASN D 148 -47.53 48.46 10.84
C ASN D 148 -46.35 49.39 11.11
N ALA D 149 -45.42 48.98 11.97
CA ALA D 149 -44.22 49.75 12.30
C ALA D 149 -43.00 49.00 11.77
N LEU D 150 -42.21 49.66 10.93
CA LEU D 150 -41.05 49.03 10.32
C LEU D 150 -40.01 48.75 11.40
N GLN D 151 -39.69 47.47 11.60
CA GLN D 151 -38.77 47.06 12.65
C GLN D 151 -37.32 47.17 12.18
N SER D 152 -36.40 47.13 13.15
CA SER D 152 -34.99 47.19 12.84
C SER D 152 -34.20 46.68 14.03
N GLY D 153 -32.98 46.23 13.75
CA GLY D 153 -32.04 45.83 14.77
C GLY D 153 -32.42 44.59 15.54
N ASN D 154 -33.56 43.97 15.25
CA ASN D 154 -34.01 42.79 15.96
C ASN D 154 -34.27 41.63 15.02
N SER D 155 -33.60 41.62 13.87
CA SER D 155 -33.75 40.57 12.86
C SER D 155 -32.38 40.00 12.50
N GLN D 156 -32.34 38.68 12.33
CA GLN D 156 -31.14 37.99 11.86
C GLN D 156 -31.49 37.16 10.64
N GLU D 157 -30.60 37.18 9.64
CA GLU D 157 -30.83 36.50 8.38
C GLU D 157 -29.82 35.38 8.17
N SER D 158 -30.17 34.46 7.28
CA SER D 158 -29.32 33.33 6.91
C SER D 158 -29.72 32.90 5.52
N VAL D 159 -28.74 32.75 4.63
CA VAL D 159 -28.99 32.35 3.25
C VAL D 159 -28.30 31.02 3.00
N THR D 160 -28.93 30.18 2.19
CA THR D 160 -28.37 28.89 1.81
C THR D 160 -27.50 29.05 0.56
N GLU D 161 -26.64 28.07 0.33
N GLU D 161 -26.64 28.07 0.34
CA GLU D 161 -25.84 28.06 -0.89
CA GLU D 161 -25.85 28.04 -0.88
C GLU D 161 -26.72 27.70 -2.09
C GLU D 161 -26.76 27.76 -2.09
N GLN D 162 -26.22 28.01 -3.28
CA GLN D 162 -26.98 27.75 -4.49
C GLN D 162 -27.41 26.29 -4.55
N ASP D 163 -28.68 26.05 -4.81
CA ASP D 163 -29.19 24.68 -4.81
C ASP D 163 -28.54 23.87 -5.92
N SER D 164 -28.18 22.63 -5.60
CA SER D 164 -27.48 21.79 -6.54
C SER D 164 -28.34 21.34 -7.71
N LYS D 165 -29.66 21.50 -7.60
CA LYS D 165 -30.58 21.00 -8.62
C LYS D 165 -31.19 22.09 -9.48
N ASP D 166 -31.67 23.18 -8.88
CA ASP D 166 -32.32 24.25 -9.63
C ASP D 166 -31.58 25.58 -9.52
N SER D 167 -30.42 25.60 -8.87
CA SER D 167 -29.53 26.77 -8.84
C SER D 167 -30.20 27.98 -8.20
N THR D 168 -31.16 27.76 -7.30
CA THR D 168 -31.82 28.86 -6.60
C THR D 168 -31.21 29.07 -5.22
N TYR D 169 -31.62 30.17 -4.60
CA TYR D 169 -31.23 30.50 -3.23
C TYR D 169 -32.48 30.49 -2.35
N SER D 170 -32.29 30.13 -1.08
CA SER D 170 -33.33 30.27 -0.06
C SER D 170 -32.80 31.11 1.09
N LEU D 171 -33.67 31.91 1.68
CA LEU D 171 -33.32 32.82 2.76
C LEU D 171 -34.28 32.62 3.92
N SER D 172 -33.78 32.88 5.13
CA SER D 172 -34.55 32.68 6.35
C SER D 172 -34.25 33.84 7.28
N SER D 173 -35.25 34.66 7.56
CA SER D 173 -35.13 35.80 8.47
C SER D 173 -35.86 35.48 9.77
N THR D 174 -35.27 35.89 10.88
CA THR D 174 -35.81 35.60 12.20
C THR D 174 -35.89 36.90 13.00
N LEU D 175 -37.11 37.24 13.44
CA LEU D 175 -37.35 38.39 14.31
C LEU D 175 -37.48 37.86 15.74
N THR D 176 -36.60 38.34 16.62
CA THR D 176 -36.55 37.89 17.99
C THR D 176 -37.03 39.01 18.91
N LEU D 177 -38.02 38.69 19.74
CA LEU D 177 -38.68 39.69 20.57
C LEU D 177 -38.83 39.19 21.99
N SER D 178 -38.77 40.13 22.92
CA SER D 178 -39.22 39.86 24.28
C SER D 178 -40.68 39.43 24.25
N LYS D 179 -40.99 38.34 24.97
CA LYS D 179 -42.39 37.94 25.10
C LYS D 179 -43.24 39.07 25.66
N ALA D 180 -42.67 39.92 26.51
CA ALA D 180 -43.40 41.10 26.96
C ALA D 180 -43.71 42.03 25.79
N ASP D 181 -42.79 42.12 24.82
CA ASP D 181 -43.04 42.92 23.63
C ASP D 181 -43.95 42.20 22.63
N TYR D 182 -43.93 40.87 22.63
CA TYR D 182 -44.69 40.12 21.63
C TYR D 182 -46.19 40.14 21.93
N GLU D 183 -46.56 40.23 23.21
CA GLU D 183 -47.97 40.23 23.57
C GLU D 183 -48.61 41.60 23.39
N LYS D 184 -47.83 42.68 23.52
CA LYS D 184 -48.37 44.02 23.42
C LYS D 184 -48.77 44.42 22.00
N HIS D 185 -48.49 43.59 20.99
CA HIS D 185 -48.84 43.88 19.61
C HIS D 185 -49.59 42.69 19.03
N LYS D 186 -50.05 42.83 17.79
CA LYS D 186 -50.82 41.74 17.20
C LYS D 186 -50.68 41.57 15.69
N VAL D 187 -50.24 42.60 14.96
CA VAL D 187 -50.16 42.55 13.50
C VAL D 187 -48.68 42.43 13.15
N TYR D 188 -48.22 41.19 12.97
CA TYR D 188 -46.84 40.89 12.62
C TYR D 188 -46.75 40.47 11.16
N ALA D 189 -45.90 41.16 10.39
CA ALA D 189 -45.83 40.93 8.96
C ALA D 189 -44.38 40.92 8.47
N CYS D 190 -44.16 40.19 7.37
CA CYS D 190 -42.88 40.05 6.70
C CYS D 190 -43.02 40.54 5.27
N GLU D 191 -42.44 41.71 4.97
CA GLU D 191 -42.47 42.26 3.62
C GLU D 191 -41.22 41.84 2.85
N VAL D 192 -41.42 41.42 1.59
CA VAL D 192 -40.36 40.84 0.77
C VAL D 192 -40.31 41.55 -0.58
N THR D 193 -39.18 42.20 -0.88
CA THR D 193 -38.94 42.81 -2.18
C THR D 193 -37.87 42.02 -2.91
N HIS D 194 -38.19 41.53 -4.11
CA HIS D 194 -37.27 40.77 -4.92
C HIS D 194 -37.52 41.10 -6.39
N GLN D 195 -36.46 41.04 -7.18
N GLN D 195 -36.46 41.04 -7.18
CA GLN D 195 -36.58 41.39 -8.59
CA GLN D 195 -36.56 41.39 -8.60
C GLN D 195 -37.65 40.57 -9.29
C GLN D 195 -37.60 40.55 -9.32
N GLY D 196 -37.76 39.29 -8.94
CA GLY D 196 -38.74 38.43 -9.57
C GLY D 196 -40.18 38.74 -9.25
N LEU D 197 -40.43 39.74 -8.41
CA LEU D 197 -41.78 40.12 -8.00
C LEU D 197 -42.17 41.41 -8.69
N SER D 198 -43.41 41.45 -9.19
CA SER D 198 -43.93 42.68 -9.78
C SER D 198 -44.04 43.78 -8.74
N SER D 199 -44.48 43.45 -7.54
CA SER D 199 -44.60 44.38 -6.42
C SER D 199 -44.19 43.66 -5.16
N PRO D 200 -43.79 44.40 -4.12
CA PRO D 200 -43.42 43.76 -2.85
C PRO D 200 -44.53 42.85 -2.35
N VAL D 201 -44.13 41.77 -1.69
CA VAL D 201 -45.07 40.77 -1.17
C VAL D 201 -44.98 40.77 0.35
N THR D 202 -46.15 40.71 1.00
CA THR D 202 -46.25 40.77 2.45
C THR D 202 -47.14 39.65 2.95
N LYS D 203 -46.62 38.86 3.89
CA LYS D 203 -47.39 37.82 4.56
C LYS D 203 -47.45 38.15 6.05
N SER D 204 -48.67 38.11 6.62
CA SER D 204 -48.91 38.51 7.99
C SER D 204 -49.61 37.40 8.76
N PHE D 205 -49.65 37.58 10.08
CA PHE D 205 -50.47 36.76 10.96
C PHE D 205 -50.97 37.67 12.09
N ASN D 206 -51.82 37.09 12.93
CA ASN D 206 -52.40 37.80 14.07
C ASN D 206 -52.11 37.02 15.35
N ARG D 207 -52.33 37.69 16.48
CA ARG D 207 -52.12 37.12 17.82
C ARG D 207 -50.65 37.22 18.20
C1 EDO E . -2.31 -3.38 -5.22
O1 EDO E . -2.53 -3.50 -3.80
C2 EDO E . -1.60 -4.64 -5.73
O2 EDO E . -1.65 -4.69 -7.16
H11 EDO E . -3.27 -3.26 -5.74
H12 EDO E . -1.70 -2.49 -5.43
HO1 EDO E . -2.98 -2.71 -3.48
H21 EDO E . -2.09 -5.52 -5.31
H22 EDO E . -0.56 -4.63 -5.39
HO2 EDO E . -1.21 -5.49 -7.48
C1 EDO F . 31.35 -32.28 -8.43
O1 EDO F . 30.01 -32.49 -7.96
C2 EDO F . 32.24 -31.80 -7.28
O2 EDO F . 32.55 -32.89 -6.40
H11 EDO F . 31.34 -31.53 -9.23
H12 EDO F . 31.75 -33.20 -8.85
HO1 EDO F . 29.45 -32.77 -8.70
H21 EDO F . 33.16 -31.38 -7.68
H22 EDO F . 31.72 -31.01 -6.73
HO2 EDO F . 33.10 -32.58 -5.67
C1 PEG G . 20.25 -21.02 3.89
O1 PEG G . 19.80 -21.18 5.21
C2 PEG G . 19.57 -19.81 3.26
O2 PEG G . 19.85 -19.78 1.89
C3 PEG G . 19.08 -20.67 1.13
C4 PEG G . 19.99 -21.68 0.41
O4 PEG G . 19.21 -22.70 -0.14
H11 PEG G . 21.22 -20.88 3.89
H12 PEG G . 20.04 -21.81 3.38
HO1 PEG G . 20.13 -21.89 5.54
H21 PEG G . 19.89 -18.99 3.68
H22 PEG G . 18.61 -19.88 3.39
H31 PEG G . 18.57 -20.18 0.47
H32 PEG G . 18.48 -21.16 1.71
H41 PEG G . 20.47 -21.22 -0.30
H42 PEG G . 20.61 -22.06 1.04
HO4 PEG G . 19.70 -23.21 -0.63
K K H . 10.82 -27.36 15.60
C1 PEG I . 0.70 -20.11 -0.33
O1 PEG I . 0.92 -19.09 -1.26
C2 PEG I . 1.98 -20.90 -0.10
O2 PEG I . 1.69 -21.97 0.75
C3 PEG I . 1.80 -23.23 0.13
C4 PEG I . 3.28 -23.61 0.06
O4 PEG I . 3.74 -23.83 1.38
H11 PEG I . 0.40 -19.72 0.52
H12 PEG I . 0.00 -20.71 -0.66
HO1 PEG I . 0.22 -18.63 -1.35
H21 PEG I . 2.66 -20.34 0.31
H22 PEG I . 2.32 -21.23 -0.95
H31 PEG I . 1.44 -23.18 -0.77
H32 PEG I . 1.32 -23.89 0.63
H41 PEG I . 3.79 -22.88 -0.34
H42 PEG I . 3.39 -24.41 -0.46
HO4 PEG I . 4.47 -24.27 1.34
CL CL J . -29.94 23.41 -0.15
CL CL K . -11.72 11.75 -3.21
CL CL L . 8.67 4.20 14.10
CL CL M . -7.39 34.49 21.67
C1 EDO N . 9.69 4.00 2.19
O1 EDO N . 8.39 3.62 2.65
C2 EDO N . 10.74 3.56 3.20
O2 EDO N . 11.97 3.29 2.50
H11 EDO N . 9.90 3.55 1.22
H12 EDO N . 9.74 5.09 2.05
HO1 EDO N . 7.73 3.90 2.00
H21 EDO N . 10.90 4.34 3.95
H22 EDO N . 10.40 2.67 3.72
HO2 EDO N . 12.64 3.00 3.14
C1 EDO O . 4.68 10.13 0.23
O1 EDO O . 4.99 10.17 1.63
C2 EDO O . 3.22 9.75 0.09
O2 EDO O . 2.48 10.29 1.21
H11 EDO O . 5.31 9.40 -0.28
H12 EDO O . 4.87 11.10 -0.22
HO1 EDO O . 5.91 10.41 1.75
H21 EDO O . 2.81 10.14 -0.84
H22 EDO O . 3.12 8.66 0.08
HO2 EDO O . 1.57 9.97 1.18
K K P . 1.73 5.48 16.13
K K Q . 2.56 8.91 -2.91
C1 PEG R . 9.53 12.98 12.20
O1 PEG R . 8.24 13.43 12.49
C2 PEG R . 9.78 11.59 12.77
O2 PEG R . 9.04 10.63 12.04
C3 PEG R . 9.63 9.35 11.98
C4 PEG R . 9.56 8.68 13.34
O4 PEG R . 8.24 8.68 13.84
H11 PEG R . 9.65 12.96 11.23
H12 PEG R . 10.18 13.60 12.58
HO1 PEG R . 8.13 14.23 12.22
H21 PEG R . 10.73 11.37 12.70
H22 PEG R . 9.51 11.56 13.70
H31 PEG R . 9.15 8.81 11.32
H32 PEG R . 10.56 9.43 11.69
H41 PEG R . 10.14 9.15 13.97
H42 PEG R . 9.86 7.76 13.27
HO4 PEG R . 8.10 7.98 14.29
C1 PEG S . 1.00 -3.52 17.12
O1 PEG S . 1.63 -4.76 16.92
C2 PEG S . 2.01 -2.38 16.94
O2 PEG S . 1.34 -1.15 16.92
C3 PEG S . 1.03 -0.69 15.63
C4 PEG S . -0.08 0.36 15.73
O4 PEG S . -1.12 -0.17 16.51
H11 PEG S . 0.64 -3.48 18.02
H12 PEG S . 0.28 -3.41 16.48
HO1 PEG S . 1.13 -5.38 17.23
H21 PEG S . 2.65 -2.40 17.67
H22 PEG S . 2.48 -2.50 16.10
H31 PEG S . 1.81 -0.29 15.23
H32 PEG S . 0.72 -1.43 15.08
H41 PEG S . -0.41 0.57 14.85
H42 PEG S . 0.26 1.16 16.15
HO4 PEG S . -1.00 0.03 17.33
C1 EDO T . -17.78 15.04 -8.67
O1 EDO T . -17.75 13.70 -8.18
C2 EDO T . -18.79 15.13 -9.82
O2 EDO T . -20.13 15.27 -9.29
H11 EDO T . -18.06 15.73 -7.87
H12 EDO T . -16.79 15.33 -9.03
HO1 EDO T . -17.11 13.63 -7.46
H21 EDO T . -18.57 15.99 -10.44
H22 EDO T . -18.73 14.23 -10.43
HO2 EDO T . -20.76 15.33 -10.02
K K U . 7.99 18.96 -7.26
K K V . -51.07 39.28 21.41
#